data_4XVM
#
_entry.id   4XVM
#
_cell.length_a   97.995
_cell.length_b   110.924
_cell.length_c   277.418
_cell.angle_alpha   90.000
_cell.angle_beta   90.000
_cell.angle_gamma   90.000
#
_symmetry.space_group_name_H-M   'I 2 2 2'
#
loop_
_entity.id
_entity.type
_entity.pdbx_description
1 polymer 'DNA polymerase nu'
2 polymer "DNA (5'-D(*CP*TP*AP*GP*CP*GP*TP*CP*A)-3')"
3 polymer "DNA (5'-D(*GP*AP*TP*CP*TP*GP*AP*CP*GP*CP*TP*AP*G)-3')"
#
loop_
_entity_poly.entity_id
_entity_poly.type
_entity_poly.pdbx_seq_one_letter_code
_entity_poly.pdbx_strand_id
1 'polypeptide(L)'
;KKHFCDIRHLDDWAKSQLIEMLKQAAALVITVMYTDGSTQLGADQTPVSSVRGIVVLVKRQAEGGHGCPDAPACGPVLEG
FVSDDPCIYIQIEHSAIWDQEQEAHQQFARNVLFQTMKCKCPVICFNAKDFVRIVLQFFGNDGSWKHVADFIGLDPRIAA
WLIDPSDATPSFEDLVEKYCEKSITVKVNSTYGNSSRNIVNQNVRENLKTLYRLTMDLCSKLKDYGLWQLFRTLELPLIP
ILAVMESHAIQVNKEEMEKTSALLGARLKELEQEAHFVAGERFLITSNNQLREILFGKLKLHLLSQRNSLPRTGLQKYPS
TSEAVLNALRDLHPLPKIILEYRQVHKIKSTFVDGLLACMKKGSISSTWNQTGTVTGRLSAKHPNIQGISKHPIQITTPK
NFKGKEDKILTISPRAMFVSSKGHTFLAADFSQIELRILTHLSGDPELLKLFQESERDDVFSTLTSQWKDVPVEQVTHAD
REQTKKVVYAVVYGAGKERLAACLGVPIQEAAQFLESFLQKYKKIKDFARAAIAQCHQTGCVVSIMGRRRPLPRIHAHDQ
QLRAQAERQAVNFVVQGSAADLCKLAMIHVFTAVAASHTLTARLVAQIHDELLFEVEDPQIPECAALVRRTMESLEQVQA
LELQLQVPLKVSLSAGRSWGHLVPLQ
;
A
2 'polydeoxyribonucleotide' (DC)(DT)(DA)(DG)(DC)(DG)(DT)(DC)(DA) T
3 'polydeoxyribonucleotide' (DG)(DA)(DT)(DT)(DT)(DG)(DA)(DC)(DG)(DC)(DT)(DA)(DG) P
#
loop_
_chem_comp.id
_chem_comp.type
_chem_comp.name
_chem_comp.formula
DA DNA linking 2'-DEOXYADENOSINE-5'-MONOPHOSPHATE 'C10 H14 N5 O6 P'
DC DNA linking 2'-DEOXYCYTIDINE-5'-MONOPHOSPHATE 'C9 H14 N3 O7 P'
DG DNA linking 2'-DEOXYGUANOSINE-5'-MONOPHOSPHATE 'C10 H14 N5 O7 P'
DT DNA linking THYMIDINE-5'-MONOPHOSPHATE 'C10 H15 N2 O8 P'
#
# COMPACT_ATOMS: atom_id res chain seq x y z
N LYS A 1 -27.30 -6.81 -27.21
CA LYS A 1 -28.73 -7.04 -27.25
C LYS A 1 -29.04 -8.51 -26.98
N LYS A 2 -28.63 -9.39 -27.90
CA LYS A 2 -28.35 -10.78 -27.53
C LYS A 2 -26.83 -10.84 -27.31
N HIS A 3 -26.19 -9.69 -27.55
CA HIS A 3 -24.77 -9.45 -27.27
C HIS A 3 -24.61 -8.82 -25.88
N PHE A 4 -25.70 -8.60 -25.14
CA PHE A 4 -25.64 -8.29 -23.70
C PHE A 4 -26.60 -9.18 -22.91
N CYS A 5 -26.07 -10.20 -22.23
CA CYS A 5 -26.86 -11.31 -21.66
C CYS A 5 -27.12 -11.30 -20.14
N ASP A 6 -28.38 -11.17 -19.73
CA ASP A 6 -28.67 -10.99 -18.32
C ASP A 6 -29.02 -12.34 -17.80
N ILE A 7 -28.09 -12.95 -17.04
CA ILE A 7 -28.20 -14.35 -16.63
C ILE A 7 -29.47 -14.61 -15.86
N ARG A 8 -30.06 -13.56 -15.31
CA ARG A 8 -31.29 -13.71 -14.56
C ARG A 8 -32.47 -14.07 -15.46
N HIS A 9 -32.35 -13.80 -16.75
CA HIS A 9 -33.39 -14.17 -17.71
C HIS A 9 -33.08 -15.42 -18.50
N LEU A 10 -32.01 -16.10 -18.11
CA LEU A 10 -31.67 -17.41 -18.68
C LEU A 10 -32.54 -18.55 -18.21
N ASP A 11 -33.00 -19.39 -19.13
CA ASP A 11 -33.73 -20.60 -18.75
C ASP A 11 -32.78 -21.68 -18.18
N ASP A 12 -33.33 -22.65 -17.44
CA ASP A 12 -32.53 -23.66 -16.72
C ASP A 12 -31.46 -24.53 -17.40
N TRP A 13 -31.74 -25.09 -18.58
CA TRP A 13 -30.70 -25.74 -19.41
C TRP A 13 -29.47 -24.84 -19.67
N ALA A 14 -29.77 -23.59 -19.98
CA ALA A 14 -28.81 -22.66 -20.51
C ALA A 14 -28.08 -22.03 -19.35
N LYS A 15 -28.59 -22.17 -18.13
CA LYS A 15 -27.81 -21.76 -16.98
C LYS A 15 -26.62 -22.72 -16.92
N SER A 16 -26.93 -24.02 -16.97
CA SER A 16 -25.92 -25.05 -16.93
C SER A 16 -25.01 -24.89 -18.15
N GLN A 17 -25.62 -24.67 -19.31
CA GLN A 17 -24.80 -24.44 -20.51
C GLN A 17 -23.87 -23.21 -20.39
N LEU A 18 -24.33 -22.16 -19.71
CA LEU A 18 -23.52 -20.96 -19.54
C LEU A 18 -22.28 -21.17 -18.69
N ILE A 19 -22.43 -21.86 -17.57
CA ILE A 19 -21.26 -22.20 -16.78
C ILE A 19 -20.31 -23.13 -17.54
N GLU A 20 -20.89 -24.07 -18.27
CA GLU A 20 -20.11 -24.91 -19.18
C GLU A 20 -19.25 -24.04 -20.10
N MET A 21 -19.87 -23.04 -20.70
CA MET A 21 -19.18 -22.07 -21.54
C MET A 21 -18.05 -21.32 -20.81
N LEU A 22 -18.31 -20.82 -19.60
CA LEU A 22 -17.29 -20.13 -18.80
C LEU A 22 -16.09 -21.00 -18.49
N LYS A 23 -16.31 -22.31 -18.31
CA LYS A 23 -15.21 -23.24 -18.21
C LYS A 23 -14.45 -23.34 -19.53
N GLN A 24 -15.16 -23.62 -20.63
CA GLN A 24 -14.49 -23.81 -21.95
C GLN A 24 -13.81 -22.56 -22.51
N ALA A 25 -14.17 -21.39 -22.01
CA ALA A 25 -13.76 -20.14 -22.64
C ALA A 25 -12.26 -19.94 -22.80
N ALA A 26 -11.88 -19.28 -23.89
CA ALA A 26 -10.48 -18.96 -24.12
C ALA A 26 -10.06 -17.67 -23.44
N ALA A 27 -11.01 -16.80 -23.14
CA ALA A 27 -10.70 -15.67 -22.27
C ALA A 27 -11.93 -15.06 -21.61
N LEU A 28 -11.75 -14.39 -20.47
CA LEU A 28 -12.86 -13.68 -19.86
C LEU A 28 -12.36 -12.27 -19.68
N VAL A 29 -13.20 -11.29 -19.98
CA VAL A 29 -12.83 -9.90 -19.77
C VAL A 29 -13.84 -9.27 -18.82
N ILE A 30 -13.40 -8.87 -17.64
CA ILE A 30 -14.37 -8.48 -16.62
C ILE A 30 -14.29 -6.99 -16.36
N THR A 31 -15.44 -6.37 -16.10
CA THR A 31 -15.37 -5.19 -15.27
C THR A 31 -16.61 -4.95 -14.42
N VAL A 32 -16.40 -4.31 -13.28
CA VAL A 32 -17.47 -3.92 -12.36
C VAL A 32 -18.30 -2.85 -13.03
N MET A 33 -19.57 -2.72 -12.66
CA MET A 33 -20.40 -1.63 -13.16
C MET A 33 -21.26 -1.05 -12.06
N TYR A 34 -21.26 0.29 -11.94
CA TYR A 34 -21.86 0.93 -10.78
C TYR A 34 -23.30 1.34 -11.06
N THR A 35 -23.95 1.90 -10.05
CA THR A 35 -25.38 2.17 -10.12
C THR A 35 -25.64 3.31 -11.08
N ASP A 36 -24.57 3.99 -11.50
CA ASP A 36 -24.63 5.13 -12.41
C ASP A 36 -25.39 4.93 -13.72
N GLY A 37 -25.16 3.86 -14.47
CA GLY A 37 -23.97 3.05 -14.45
C GLY A 37 -22.74 3.61 -15.13
N SER A 38 -21.67 3.71 -14.35
CA SER A 38 -20.36 3.86 -14.92
C SER A 38 -19.64 2.56 -14.59
N THR A 39 -18.42 2.43 -15.09
CA THR A 39 -17.60 1.31 -14.72
C THR A 39 -16.31 1.88 -14.12
N GLN A 40 -15.38 1.01 -13.80
CA GLN A 40 -14.08 1.43 -13.36
C GLN A 40 -13.19 1.63 -14.57
N LEU A 41 -13.85 1.66 -15.71
CA LEU A 41 -13.27 1.46 -17.00
C LEU A 41 -12.99 2.65 -17.90
N GLY A 42 -12.87 3.87 -17.38
CA GLY A 42 -12.99 4.23 -15.98
C GLY A 42 -13.18 5.72 -15.94
N ALA A 43 -13.63 6.26 -14.83
CA ALA A 43 -13.89 7.70 -14.78
C ALA A 43 -13.21 8.36 -13.60
N ASP A 44 -11.89 8.40 -13.65
CA ASP A 44 -11.12 9.13 -12.65
C ASP A 44 -11.10 8.25 -11.41
N GLN A 45 -11.59 7.02 -11.53
CA GLN A 45 -11.69 6.13 -10.38
C GLN A 45 -12.63 6.68 -9.26
N THR A 46 -13.66 7.37 -9.70
CA THR A 46 -14.69 7.82 -8.76
C THR A 46 -16.01 7.91 -9.48
N PRO A 47 -16.67 6.76 -9.68
CA PRO A 47 -17.95 6.71 -10.39
C PRO A 47 -19.08 7.22 -9.51
N VAL A 48 -18.73 7.67 -8.32
CA VAL A 48 -19.70 8.19 -7.36
C VAL A 48 -20.90 7.30 -7.01
N SER A 49 -20.71 6.01 -6.81
CA SER A 49 -21.84 5.22 -6.34
C SER A 49 -21.53 3.78 -5.94
N SER A 50 -22.45 3.16 -5.22
CA SER A 50 -22.34 1.76 -4.89
C SER A 50 -22.61 0.88 -6.10
N VAL A 51 -22.16 -0.36 -6.02
CA VAL A 51 -22.08 -1.29 -7.14
C VAL A 51 -23.40 -1.94 -7.45
N ARG A 52 -23.66 -2.20 -8.71
CA ARG A 52 -24.78 -3.00 -9.11
C ARG A 52 -24.61 -4.32 -9.85
N GLY A 53 -23.57 -4.39 -10.66
CA GLY A 53 -23.35 -5.50 -11.54
C GLY A 53 -21.93 -5.79 -11.95
N ILE A 54 -21.73 -6.91 -12.58
CA ILE A 54 -20.45 -7.25 -13.16
C ILE A 54 -20.71 -7.63 -14.60
N VAL A 55 -19.87 -7.17 -15.51
CA VAL A 55 -20.05 -7.50 -16.90
C VAL A 55 -18.85 -8.36 -17.32
N VAL A 56 -19.13 -9.48 -17.97
CA VAL A 56 -18.05 -10.39 -18.33
C VAL A 56 -18.14 -10.71 -19.81
N LEU A 57 -17.19 -10.21 -20.58
CA LEU A 57 -17.18 -10.54 -22.00
C LEU A 57 -16.45 -11.86 -22.15
N VAL A 58 -17.16 -12.87 -22.61
CA VAL A 58 -16.56 -14.18 -22.78
C VAL A 58 -16.04 -14.38 -24.20
N LYS A 59 -14.73 -14.47 -24.39
CA LYS A 59 -14.21 -14.79 -25.71
C LYS A 59 -14.09 -16.30 -25.81
N ARG A 60 -14.94 -16.90 -26.64
CA ARG A 60 -15.03 -18.34 -26.79
C ARG A 60 -13.87 -18.84 -27.65
N GLN A 61 -13.12 -17.88 -28.18
CA GLN A 61 -11.82 -18.12 -28.84
C GLN A 61 -10.87 -16.93 -28.68
N ALA A 62 -9.56 -17.20 -28.51
CA ALA A 62 -8.54 -16.15 -28.30
C ALA A 62 -7.10 -16.59 -28.55
N CYS A 74 -12.12 -23.81 -30.92
CA CYS A 74 -12.00 -24.96 -31.82
C CYS A 74 -13.35 -25.35 -32.40
N GLY A 75 -13.42 -25.47 -33.72
CA GLY A 75 -14.68 -25.69 -34.41
C GLY A 75 -15.58 -24.48 -34.18
N PRO A 76 -16.86 -24.57 -34.55
CA PRO A 76 -17.70 -23.45 -34.07
C PRO A 76 -18.33 -23.72 -32.70
N VAL A 77 -18.96 -22.68 -32.13
CA VAL A 77 -19.81 -22.80 -30.94
C VAL A 77 -21.01 -21.86 -31.08
N LEU A 78 -22.22 -22.42 -31.02
CA LEU A 78 -23.43 -21.60 -30.94
C LEU A 78 -24.40 -22.12 -29.86
N GLU A 79 -24.61 -21.27 -28.86
CA GLU A 79 -25.33 -21.61 -27.65
C GLU A 79 -26.88 -21.53 -27.76
N GLY A 80 -27.34 -20.63 -28.62
CA GLY A 80 -28.75 -20.44 -28.90
C GLY A 80 -29.38 -19.40 -27.99
N PHE A 81 -28.78 -19.24 -26.81
CA PHE A 81 -29.21 -18.21 -25.85
C PHE A 81 -28.39 -16.91 -25.95
N VAL A 82 -27.30 -16.94 -26.71
CA VAL A 82 -26.41 -15.78 -26.85
C VAL A 82 -25.88 -15.54 -28.26
N SER A 83 -25.23 -14.38 -28.41
CA SER A 83 -24.47 -14.03 -29.61
C SER A 83 -22.99 -14.42 -29.43
N ASP A 84 -22.13 -14.09 -30.39
CA ASP A 84 -20.69 -14.38 -30.23
C ASP A 84 -19.77 -13.16 -30.50
N ASP A 85 -18.96 -12.76 -29.50
CA ASP A 85 -18.84 -13.37 -28.18
C ASP A 85 -19.74 -12.68 -27.17
N PRO A 86 -20.51 -13.45 -26.38
CA PRO A 86 -21.51 -12.89 -25.47
C PRO A 86 -20.90 -12.03 -24.38
N CYS A 87 -21.72 -11.18 -23.78
CA CYS A 87 -21.30 -10.44 -22.62
C CYS A 87 -22.13 -10.77 -21.44
N ILE A 88 -21.59 -11.42 -20.44
CA ILE A 88 -22.50 -11.77 -19.37
C ILE A 88 -22.73 -10.69 -18.34
N TYR A 89 -23.99 -10.51 -17.94
CA TYR A 89 -24.37 -9.46 -17.01
C TYR A 89 -24.84 -10.05 -15.66
N ILE A 90 -24.01 -9.95 -14.64
CA ILE A 90 -24.36 -10.54 -13.35
C ILE A 90 -24.86 -9.52 -12.36
N GLN A 91 -26.15 -9.58 -12.03
CA GLN A 91 -26.71 -8.58 -11.12
C GLN A 91 -26.37 -8.74 -9.65
N ILE A 92 -25.61 -7.79 -9.09
CA ILE A 92 -25.26 -7.78 -7.66
C ILE A 92 -26.37 -7.19 -6.79
N GLU A 93 -27.03 -6.16 -7.32
CA GLU A 93 -27.90 -5.29 -6.53
C GLU A 93 -29.03 -6.02 -5.80
N HIS A 94 -29.12 -5.78 -4.49
CA HIS A 94 -30.23 -6.30 -3.69
C HIS A 94 -31.47 -5.48 -3.97
N SER A 95 -32.61 -6.16 -4.12
CA SER A 95 -33.88 -5.44 -4.17
C SER A 95 -34.31 -5.12 -2.74
N ALA A 96 -35.43 -4.41 -2.61
CA ALA A 96 -35.90 -3.91 -1.32
C ALA A 96 -36.22 -5.05 -0.33
N ILE A 97 -37.13 -5.94 -0.72
CA ILE A 97 -37.57 -7.04 0.13
C ILE A 97 -36.96 -8.38 -0.34
N TRP A 98 -36.67 -9.28 0.60
CA TRP A 98 -35.86 -10.46 0.28
C TRP A 98 -36.58 -11.83 0.28
N ASP A 99 -36.79 -12.42 -0.90
CA ASP A 99 -37.60 -13.64 -1.04
C ASP A 99 -37.05 -14.72 -2.01
N GLN A 100 -37.82 -15.79 -2.21
CA GLN A 100 -37.33 -17.07 -2.78
C GLN A 100 -36.58 -17.13 -4.12
N GLU A 101 -37.16 -16.54 -5.16
CA GLU A 101 -36.51 -16.48 -6.47
C GLU A 101 -35.25 -15.59 -6.48
N GLN A 102 -35.25 -14.63 -5.55
CA GLN A 102 -34.13 -13.71 -5.43
C GLN A 102 -33.02 -14.55 -4.83
N GLU A 103 -33.37 -15.43 -3.88
CA GLU A 103 -32.40 -16.35 -3.31
C GLU A 103 -31.87 -17.27 -4.41
N ALA A 104 -32.77 -17.74 -5.26
CA ALA A 104 -32.35 -18.49 -6.44
C ALA A 104 -31.35 -17.71 -7.30
N HIS A 105 -31.76 -16.51 -7.72
CA HIS A 105 -30.94 -15.64 -8.57
C HIS A 105 -29.55 -15.43 -7.99
N GLN A 106 -29.49 -14.98 -6.75
CA GLN A 106 -28.25 -14.71 -6.08
C GLN A 106 -27.39 -15.95 -5.93
N GLN A 107 -28.01 -17.11 -5.71
CA GLN A 107 -27.24 -18.34 -5.70
C GLN A 107 -26.56 -18.55 -7.05
N PHE A 108 -27.32 -18.40 -8.13
CA PHE A 108 -26.75 -18.54 -9.47
C PHE A 108 -25.63 -17.51 -9.73
N ALA A 109 -25.84 -16.28 -9.29
CA ALA A 109 -24.84 -15.25 -9.49
C ALA A 109 -23.58 -15.65 -8.77
N ARG A 110 -23.73 -16.09 -7.52
CA ARG A 110 -22.61 -16.49 -6.69
C ARG A 110 -21.83 -17.59 -7.40
N ASN A 111 -22.61 -18.52 -7.94
CA ASN A 111 -22.11 -19.65 -8.70
C ASN A 111 -21.24 -19.22 -9.90
N VAL A 112 -21.81 -18.43 -10.81
CA VAL A 112 -21.07 -17.84 -11.94
C VAL A 112 -19.79 -17.08 -11.52
N LEU A 113 -19.92 -16.12 -10.61
CA LEU A 113 -18.75 -15.40 -10.08
C LEU A 113 -17.63 -16.32 -9.55
N PHE A 114 -18.02 -17.34 -8.77
CA PHE A 114 -17.09 -18.38 -8.32
C PHE A 114 -16.37 -18.99 -9.52
N GLN A 115 -17.11 -19.40 -10.55
CA GLN A 115 -16.48 -20.00 -11.73
C GLN A 115 -15.46 -19.06 -12.34
N THR A 116 -15.85 -17.79 -12.41
CA THR A 116 -15.02 -16.77 -13.01
C THR A 116 -13.67 -16.71 -12.31
N MET A 117 -13.70 -16.71 -10.98
CA MET A 117 -12.48 -16.65 -10.20
C MET A 117 -11.55 -17.81 -10.50
N LYS A 118 -12.11 -19.02 -10.65
CA LYS A 118 -11.29 -20.22 -10.66
C LYS A 118 -10.85 -20.70 -12.04
N CYS A 119 -11.38 -20.12 -13.11
CA CYS A 119 -11.20 -20.78 -14.41
C CYS A 119 -9.84 -20.61 -15.09
N LYS A 120 -9.51 -21.59 -15.92
CA LYS A 120 -8.14 -21.82 -16.35
C LYS A 120 -7.60 -20.87 -17.40
N CYS A 121 -8.46 -20.13 -18.07
CA CYS A 121 -8.03 -19.23 -19.14
C CYS A 121 -7.58 -17.91 -18.56
N PRO A 122 -7.03 -17.00 -19.40
CA PRO A 122 -6.70 -15.67 -18.88
C PRO A 122 -7.94 -14.93 -18.46
N VAL A 123 -7.90 -14.21 -17.35
CA VAL A 123 -9.02 -13.37 -16.98
C VAL A 123 -8.50 -11.99 -16.96
N ILE A 124 -9.11 -11.11 -17.72
CA ILE A 124 -8.60 -9.77 -17.85
C ILE A 124 -9.53 -8.85 -17.15
N CYS A 125 -9.00 -8.05 -16.25
CA CYS A 125 -9.82 -7.17 -15.47
C CYS A 125 -8.90 -6.05 -15.26
N PHE A 126 -9.45 -4.88 -14.98
CA PHE A 126 -8.65 -3.66 -14.90
C PHE A 126 -8.14 -3.40 -13.50
N ASN A 127 -9.02 -2.90 -12.64
CA ASN A 127 -8.66 -2.68 -11.28
C ASN A 127 -9.17 -3.88 -10.51
N ALA A 128 -8.49 -4.99 -10.77
CA ALA A 128 -8.91 -6.30 -10.33
C ALA A 128 -9.08 -6.35 -8.83
N LYS A 129 -8.12 -5.79 -8.10
CA LYS A 129 -8.28 -5.82 -6.67
C LYS A 129 -9.69 -5.37 -6.33
N ASP A 130 -10.16 -4.31 -6.98
CA ASP A 130 -11.52 -3.79 -6.76
C ASP A 130 -12.54 -4.90 -7.03
N PHE A 131 -12.37 -5.58 -8.16
CA PHE A 131 -13.26 -6.66 -8.56
C PHE A 131 -13.32 -7.74 -7.50
N VAL A 132 -12.17 -8.31 -7.14
CA VAL A 132 -12.12 -9.35 -6.12
C VAL A 132 -12.73 -8.87 -4.79
N ARG A 133 -12.43 -7.65 -4.37
CA ARG A 133 -12.99 -7.13 -3.12
C ARG A 133 -14.52 -7.05 -3.18
N ILE A 134 -15.03 -6.78 -4.36
CA ILE A 134 -16.47 -6.61 -4.53
C ILE A 134 -17.11 -7.97 -4.51
N VAL A 135 -16.46 -8.91 -5.18
CA VAL A 135 -16.98 -10.25 -5.23
C VAL A 135 -17.03 -10.91 -3.88
N LEU A 136 -16.07 -10.61 -3.02
CA LEU A 136 -16.09 -11.12 -1.66
C LEU A 136 -17.16 -10.46 -0.77
N GLN A 137 -17.32 -9.14 -0.92
CA GLN A 137 -18.42 -8.43 -0.24
C GLN A 137 -19.71 -9.22 -0.63
N PHE A 138 -19.97 -9.35 -1.92
CA PHE A 138 -21.11 -10.12 -2.43
C PHE A 138 -21.18 -11.59 -1.97
N PHE A 139 -20.12 -12.35 -2.23
CA PHE A 139 -19.92 -13.74 -1.82
C PHE A 139 -20.29 -13.92 -0.37
N GLY A 140 -19.76 -13.04 0.47
CA GLY A 140 -20.04 -13.05 1.89
C GLY A 140 -19.51 -14.26 2.61
N ASN A 141 -20.38 -14.86 3.42
CA ASN A 141 -20.03 -16.08 4.16
C ASN A 141 -20.12 -17.31 3.24
N ASP A 142 -20.93 -17.20 2.18
CA ASP A 142 -21.20 -18.28 1.22
C ASP A 142 -19.95 -18.86 0.53
N GLY A 143 -18.88 -18.08 0.45
CA GLY A 143 -17.56 -18.62 0.16
C GLY A 143 -16.54 -17.70 0.79
N SER A 144 -15.44 -18.29 1.23
CA SER A 144 -14.54 -17.57 2.10
C SER A 144 -13.42 -16.96 1.27
N TRP A 145 -12.49 -16.32 1.96
CA TRP A 145 -11.44 -15.57 1.29
C TRP A 145 -10.31 -16.42 0.66
N LYS A 146 -10.31 -17.73 0.90
CA LYS A 146 -9.27 -18.60 0.34
C LYS A 146 -9.69 -19.19 -1.00
N HIS A 147 -10.97 -19.03 -1.35
CA HIS A 147 -11.48 -19.49 -2.63
C HIS A 147 -11.19 -18.46 -3.74
N VAL A 148 -10.67 -17.32 -3.35
CA VAL A 148 -10.08 -16.36 -4.28
C VAL A 148 -8.56 -16.24 -4.31
N ALA A 149 -7.81 -17.04 -3.55
CA ALA A 149 -6.36 -16.79 -3.46
C ALA A 149 -5.64 -17.15 -4.74
N ASP A 150 -6.12 -18.19 -5.43
CA ASP A 150 -5.44 -18.67 -6.64
C ASP A 150 -5.71 -17.74 -7.81
N PHE A 151 -6.75 -16.91 -7.67
CA PHE A 151 -7.25 -16.09 -8.76
C PHE A 151 -6.14 -15.28 -9.34
N ILE A 152 -5.90 -15.47 -10.62
CA ILE A 152 -4.96 -14.65 -11.35
C ILE A 152 -5.69 -13.90 -12.46
N GLY A 153 -5.67 -12.57 -12.42
CA GLY A 153 -6.27 -11.85 -13.51
C GLY A 153 -5.49 -10.59 -13.85
N LEU A 154 -5.50 -10.29 -15.15
CA LEU A 154 -4.49 -9.45 -15.76
C LEU A 154 -4.96 -8.00 -15.75
N ASP A 155 -4.28 -7.19 -14.95
CA ASP A 155 -4.74 -5.87 -14.63
C ASP A 155 -3.72 -4.96 -15.25
N PRO A 156 -4.10 -4.27 -16.35
CA PRO A 156 -3.17 -3.47 -17.14
C PRO A 156 -2.76 -2.19 -16.40
N ARG A 157 -3.47 -1.83 -15.33
CA ARG A 157 -2.99 -0.74 -14.51
C ARG A 157 -1.64 -1.15 -13.91
N ILE A 158 -1.52 -2.43 -13.56
CA ILE A 158 -0.29 -2.93 -12.95
C ILE A 158 0.78 -3.11 -14.00
N ALA A 159 0.44 -3.65 -15.16
CA ALA A 159 1.44 -3.85 -16.20
C ALA A 159 2.05 -2.51 -16.56
N ALA A 160 1.18 -1.52 -16.78
CA ALA A 160 1.59 -0.15 -17.01
C ALA A 160 2.52 0.34 -15.91
N TRP A 161 2.07 0.26 -14.68
CA TRP A 161 2.92 0.70 -13.58
C TRP A 161 4.28 -0.01 -13.54
N LEU A 162 4.33 -1.26 -13.98
CA LEU A 162 5.60 -1.97 -14.01
C LEU A 162 6.50 -1.35 -15.08
N ILE A 163 5.93 -1.09 -16.25
CA ILE A 163 6.70 -0.57 -17.39
C ILE A 163 7.30 0.81 -17.15
N ASP A 164 6.44 1.78 -16.83
CA ASP A 164 6.93 3.06 -16.35
C ASP A 164 6.29 3.38 -15.00
N PRO A 165 6.96 2.97 -13.91
CA PRO A 165 6.59 3.12 -12.50
C PRO A 165 6.32 4.54 -12.05
N SER A 166 6.93 5.50 -12.73
CA SER A 166 6.79 6.91 -12.36
C SER A 166 5.36 7.38 -12.60
N ASP A 167 4.79 6.84 -13.66
CA ASP A 167 3.56 7.38 -14.21
C ASP A 167 2.41 7.29 -13.19
N ALA A 168 1.84 8.47 -12.94
CA ALA A 168 0.70 8.65 -12.05
C ALA A 168 -0.43 7.74 -12.52
N THR A 169 -0.92 6.92 -11.59
CA THR A 169 -1.62 5.68 -11.91
C THR A 169 -2.85 5.96 -12.77
N PRO A 170 -2.77 5.52 -14.03
CA PRO A 170 -3.51 6.02 -15.20
C PRO A 170 -4.93 5.54 -15.27
N SER A 171 -5.74 6.21 -16.09
CA SER A 171 -7.05 5.69 -16.42
C SER A 171 -6.94 4.79 -17.63
N PHE A 172 -8.07 4.24 -17.96
CA PHE A 172 -8.17 3.39 -19.08
C PHE A 172 -7.86 4.14 -20.34
N GLU A 173 -8.44 5.29 -20.51
CA GLU A 173 -8.23 5.97 -21.76
C GLU A 173 -6.77 6.05 -22.05
N ASP A 174 -6.08 6.61 -21.08
CA ASP A 174 -4.73 7.04 -21.26
C ASP A 174 -4.03 5.85 -21.83
N LEU A 175 -4.24 4.73 -21.18
CA LEU A 175 -3.55 3.55 -21.56
C LEU A 175 -3.80 3.07 -22.97
N VAL A 176 -5.04 3.14 -23.44
CA VAL A 176 -5.34 2.56 -24.78
C VAL A 176 -4.72 3.33 -25.92
N GLU A 177 -4.91 4.66 -25.85
CA GLU A 177 -4.45 5.59 -26.85
C GLU A 177 -2.93 5.55 -26.87
N LYS A 178 -2.34 5.27 -25.71
CA LYS A 178 -0.91 5.02 -25.62
C LYS A 178 -0.44 3.66 -26.19
N TYR A 179 -0.97 2.56 -25.65
CA TYR A 179 -0.41 1.21 -25.91
C TYR A 179 -1.05 0.36 -27.04
N CYS A 180 -1.99 0.92 -27.80
CA CYS A 180 -2.67 0.14 -28.84
C CYS A 180 -2.30 0.42 -30.31
N GLU A 181 -2.38 -0.63 -31.12
CA GLU A 181 -2.12 -0.52 -32.55
C GLU A 181 -3.17 -1.26 -33.40
N LYS A 182 -3.85 -0.52 -34.26
CA LYS A 182 -3.71 0.93 -34.30
C LYS A 182 -5.09 1.57 -34.30
N SER A 183 -5.22 2.65 -33.54
CA SER A 183 -6.46 3.45 -33.47
C SER A 183 -7.75 2.66 -33.12
N ILE A 184 -7.62 1.68 -32.23
CA ILE A 184 -8.75 1.08 -31.54
C ILE A 184 -9.29 2.18 -30.62
N THR A 185 -10.60 2.19 -30.34
CA THR A 185 -11.10 3.12 -29.31
C THR A 185 -12.39 2.79 -28.51
N VAL A 186 -12.82 3.80 -27.74
CA VAL A 186 -13.74 3.66 -26.60
C VAL A 186 -14.87 4.71 -26.63
N LYS A 187 -16.08 4.44 -26.14
CA LYS A 187 -16.91 5.60 -25.76
C LYS A 187 -17.22 5.62 -24.25
N VAL A 188 -16.39 6.29 -23.44
CA VAL A 188 -16.30 5.96 -21.99
C VAL A 188 -17.02 6.88 -21.02
N ASN A 189 -17.68 7.88 -21.58
CA ASN A 189 -18.29 8.91 -20.76
C ASN A 189 -19.56 8.38 -20.07
N SER A 190 -20.13 7.36 -20.72
CA SER A 190 -21.53 6.96 -20.51
C SER A 190 -21.93 6.67 -19.05
N THR A 191 -22.87 7.48 -18.57
CA THR A 191 -23.72 7.22 -17.41
C THR A 191 -25.21 7.16 -17.71
N TYR A 192 -26.03 6.92 -16.70
CA TYR A 192 -27.47 7.01 -16.81
C TYR A 192 -27.88 8.39 -16.33
N GLY A 193 -28.56 9.14 -17.20
CA GLY A 193 -28.82 10.55 -16.93
C GLY A 193 -27.82 11.42 -17.67
N ASN A 194 -26.69 10.84 -18.04
CA ASN A 194 -25.78 11.48 -18.99
C ASN A 194 -26.09 10.92 -20.38
N SER A 195 -26.58 9.69 -20.35
CA SER A 195 -27.05 8.94 -21.45
C SER A 195 -28.22 8.01 -21.20
N SER A 196 -28.64 7.21 -22.17
CA SER A 196 -29.75 6.27 -21.97
C SER A 196 -29.13 4.93 -21.58
N ARG A 197 -29.98 3.90 -21.49
CA ARG A 197 -29.54 2.52 -21.23
C ARG A 197 -28.61 1.90 -22.29
N ASN A 198 -29.08 1.90 -23.54
CA ASN A 198 -28.30 1.35 -24.67
C ASN A 198 -26.90 1.93 -24.88
N ILE A 199 -26.79 3.24 -24.65
CA ILE A 199 -25.52 3.96 -24.75
C ILE A 199 -24.49 3.40 -23.76
N VAL A 200 -24.85 3.37 -22.48
CA VAL A 200 -24.04 2.76 -21.41
C VAL A 200 -23.63 1.29 -21.65
N ASN A 201 -24.56 0.46 -22.12
CA ASN A 201 -24.27 -0.97 -22.30
C ASN A 201 -23.48 -1.35 -23.58
N GLN A 202 -23.73 -0.65 -24.68
CA GLN A 202 -22.99 -0.95 -25.90
C GLN A 202 -21.57 -0.35 -25.79
N ASN A 203 -21.49 0.81 -25.13
CA ASN A 203 -20.20 1.35 -24.74
C ASN A 203 -19.39 0.44 -23.80
N VAL A 204 -20.07 -0.20 -22.86
CA VAL A 204 -19.40 -1.21 -22.02
C VAL A 204 -18.88 -2.44 -22.81
N ARG A 205 -19.66 -2.98 -23.74
CA ARG A 205 -19.14 -4.11 -24.50
C ARG A 205 -17.92 -3.64 -25.32
N GLU A 206 -18.03 -2.45 -25.89
CA GLU A 206 -16.96 -1.94 -26.76
C GLU A 206 -15.68 -1.71 -25.98
N ASN A 207 -15.79 -0.88 -24.94
CA ASN A 207 -14.72 -0.73 -23.97
C ASN A 207 -14.13 -2.07 -23.45
N LEU A 208 -14.95 -3.11 -23.31
CA LEU A 208 -14.40 -4.40 -22.90
C LEU A 208 -13.54 -5.07 -23.97
N LYS A 209 -13.95 -5.00 -25.24
CA LYS A 209 -13.06 -5.57 -26.28
C LYS A 209 -11.79 -4.71 -26.34
N THR A 210 -11.97 -3.45 -25.99
CA THR A 210 -10.82 -2.58 -26.05
C THR A 210 -9.82 -3.01 -24.99
N LEU A 211 -10.25 -3.02 -23.72
CA LEU A 211 -9.49 -3.51 -22.55
C LEU A 211 -8.82 -4.86 -22.75
N TYR A 212 -9.49 -5.78 -23.43
CA TYR A 212 -8.78 -6.96 -23.84
C TYR A 212 -7.57 -6.56 -24.65
N ARG A 213 -7.74 -5.81 -25.74
CA ARG A 213 -6.54 -5.61 -26.58
C ARG A 213 -5.43 -4.80 -25.90
N LEU A 214 -5.82 -3.78 -25.16
CA LEU A 214 -4.90 -3.00 -24.36
C LEU A 214 -4.08 -3.98 -23.60
N THR A 215 -4.77 -4.92 -22.96
CA THR A 215 -4.10 -5.84 -22.05
C THR A 215 -3.13 -6.79 -22.77
N MET A 216 -3.56 -7.52 -23.79
CA MET A 216 -2.60 -8.35 -24.54
C MET A 216 -1.36 -7.58 -25.00
N ASP A 217 -1.57 -6.31 -25.34
CA ASP A 217 -0.47 -5.55 -25.91
C ASP A 217 0.52 -5.26 -24.79
N LEU A 218 -0.01 -4.76 -23.68
CA LEU A 218 0.78 -4.55 -22.45
C LEU A 218 1.58 -5.79 -22.01
N CYS A 219 0.95 -6.96 -22.07
CA CYS A 219 1.62 -8.22 -21.82
C CYS A 219 2.82 -8.45 -22.70
N SER A 220 2.66 -8.35 -24.01
CA SER A 220 3.87 -8.53 -24.84
C SER A 220 4.93 -7.45 -24.61
N LYS A 221 4.51 -6.27 -24.17
CA LYS A 221 5.47 -5.27 -23.74
C LYS A 221 6.29 -5.82 -22.58
N LEU A 222 5.62 -6.29 -21.53
CA LEU A 222 6.29 -6.90 -20.37
C LEU A 222 7.28 -7.99 -20.77
N LYS A 223 6.82 -8.96 -21.56
CA LYS A 223 7.74 -9.97 -22.04
C LYS A 223 8.95 -9.32 -22.72
N ASP A 224 8.74 -8.22 -23.43
CA ASP A 224 9.84 -7.55 -24.11
C ASP A 224 10.85 -6.91 -23.16
N TYR A 225 10.39 -6.39 -22.03
CA TYR A 225 11.26 -5.68 -21.10
C TYR A 225 11.79 -6.61 -20.01
N GLY A 226 11.46 -7.89 -20.10
CA GLY A 226 11.84 -8.83 -19.06
C GLY A 226 11.15 -8.58 -17.72
N LEU A 227 10.00 -7.92 -17.77
CA LEU A 227 9.18 -7.69 -16.59
C LEU A 227 8.08 -8.75 -16.47
N TRP A 228 8.09 -9.73 -17.35
CA TRP A 228 6.95 -10.64 -17.38
C TRP A 228 6.91 -11.53 -16.17
N GLN A 229 8.00 -12.25 -15.93
CA GLN A 229 8.12 -13.16 -14.80
C GLN A 229 7.85 -12.43 -13.50
N LEU A 230 8.38 -11.21 -13.38
CA LEU A 230 8.01 -10.39 -12.24
C LEU A 230 6.49 -10.18 -12.10
N PHE A 231 5.84 -9.88 -13.22
CA PHE A 231 4.43 -9.54 -13.23
C PHE A 231 3.63 -10.71 -12.68
N ARG A 232 3.77 -11.84 -13.39
CA ARG A 232 3.02 -13.07 -13.17
C ARG A 232 3.30 -13.73 -11.81
N THR A 233 4.55 -13.74 -11.37
CA THR A 233 4.87 -14.36 -10.10
C THR A 233 4.73 -13.48 -8.83
N LEU A 234 5.09 -12.20 -8.88
CA LEU A 234 4.94 -11.32 -7.71
C LEU A 234 3.63 -10.56 -7.70
N GLU A 235 3.37 -9.77 -8.74
CA GLU A 235 2.29 -8.81 -8.63
C GLU A 235 0.89 -9.40 -8.74
N LEU A 236 0.65 -10.13 -9.80
CA LEU A 236 -0.69 -10.62 -10.01
C LEU A 236 -1.32 -11.55 -8.94
N PRO A 237 -0.49 -12.38 -8.31
CA PRO A 237 -0.94 -13.19 -7.18
C PRO A 237 -1.11 -12.35 -5.91
N LEU A 238 -0.45 -11.19 -5.88
CA LEU A 238 -0.56 -10.30 -4.72
C LEU A 238 -1.93 -9.62 -4.69
N ILE A 239 -2.60 -9.59 -5.85
CA ILE A 239 -3.87 -8.87 -6.04
C ILE A 239 -4.98 -9.34 -5.11
N PRO A 240 -5.29 -10.67 -5.09
CA PRO A 240 -6.37 -11.07 -4.18
C PRO A 240 -6.00 -11.02 -2.68
N ILE A 241 -4.71 -10.99 -2.36
CA ILE A 241 -4.26 -10.81 -0.98
C ILE A 241 -4.65 -9.42 -0.47
N LEU A 242 -4.33 -8.37 -1.24
CA LEU A 242 -4.71 -6.99 -0.93
C LEU A 242 -6.22 -6.83 -0.88
N ALA A 243 -6.89 -7.50 -1.80
CA ALA A 243 -8.34 -7.54 -1.77
C ALA A 243 -8.85 -8.15 -0.48
N VAL A 244 -8.12 -9.10 0.09
CA VAL A 244 -8.62 -9.75 1.31
C VAL A 244 -8.51 -8.80 2.49
N MET A 245 -7.31 -8.25 2.70
CA MET A 245 -7.04 -7.28 3.77
C MET A 245 -8.02 -6.10 3.77
N GLU A 246 -8.55 -5.74 2.62
CA GLU A 246 -9.53 -4.66 2.62
C GLU A 246 -10.91 -5.17 3.05
N SER A 247 -11.08 -6.48 3.02
CA SER A 247 -12.40 -7.03 3.27
C SER A 247 -12.59 -7.32 4.73
N HIS A 248 -11.49 -7.33 5.48
CA HIS A 248 -11.55 -7.39 6.94
C HIS A 248 -11.27 -5.97 7.43
N ALA A 249 -11.36 -5.73 8.73
CA ALA A 249 -10.98 -4.43 9.29
C ALA A 249 -10.46 -4.58 10.69
N ILE A 250 -9.44 -3.80 11.02
CA ILE A 250 -8.87 -3.81 12.35
C ILE A 250 -9.76 -3.01 13.30
N GLN A 251 -9.90 -3.49 14.54
CA GLN A 251 -10.70 -2.78 15.51
C GLN A 251 -9.86 -1.79 16.33
N VAL A 252 -10.44 -0.63 16.61
CA VAL A 252 -9.74 0.40 17.36
C VAL A 252 -10.47 0.62 18.67
N ASN A 253 -9.78 1.18 19.65
CA ASN A 253 -10.29 1.28 21.00
C ASN A 253 -11.08 2.56 21.03
N LYS A 254 -12.41 2.46 21.02
CA LYS A 254 -13.23 3.64 20.81
C LYS A 254 -13.22 4.57 22.02
N GLU A 255 -13.56 4.03 23.20
CA GLU A 255 -13.56 4.83 24.41
C GLU A 255 -12.23 5.56 24.65
N GLU A 256 -11.13 4.84 24.57
CA GLU A 256 -9.81 5.42 24.81
C GLU A 256 -9.45 6.39 23.67
N MET A 257 -9.97 6.14 22.48
CA MET A 257 -9.64 7.00 21.36
C MET A 257 -10.31 8.33 21.64
N GLU A 258 -11.60 8.27 21.92
CA GLU A 258 -12.39 9.45 22.24
C GLU A 258 -11.91 10.17 23.49
N LYS A 259 -11.28 9.41 24.39
CA LYS A 259 -10.62 10.00 25.55
C LYS A 259 -9.37 10.78 25.17
N THR A 260 -8.52 10.23 24.31
CA THR A 260 -7.36 11.00 23.85
C THR A 260 -7.81 12.29 23.17
N SER A 261 -8.88 12.21 22.38
CA SER A 261 -9.45 13.40 21.76
C SER A 261 -9.98 14.39 22.78
N ALA A 262 -10.46 13.86 23.91
CA ALA A 262 -10.91 14.70 25.01
C ALA A 262 -9.69 15.35 25.66
N LEU A 263 -8.65 14.57 25.92
CA LEU A 263 -7.43 15.11 26.52
C LEU A 263 -6.86 16.28 25.68
N LEU A 264 -6.64 15.98 24.43
CA LEU A 264 -6.03 16.89 23.50
C LEU A 264 -6.94 18.06 23.36
N GLY A 265 -8.21 17.79 23.46
CA GLY A 265 -9.20 18.83 23.33
C GLY A 265 -9.09 19.86 24.41
N ALA A 266 -8.84 19.46 25.63
CA ALA A 266 -8.71 20.40 26.71
C ALA A 266 -7.54 21.27 26.50
N ARG A 267 -6.39 20.71 26.23
CA ARG A 267 -5.19 21.51 26.24
C ARG A 267 -5.32 22.48 25.12
N LEU A 268 -6.11 22.14 24.15
CA LEU A 268 -6.42 23.10 23.10
C LEU A 268 -7.23 24.28 23.64
N LYS A 269 -8.33 24.02 24.34
CA LYS A 269 -9.13 25.12 24.89
C LYS A 269 -8.33 25.95 25.89
N GLU A 270 -7.45 25.28 26.64
CA GLU A 270 -6.58 25.94 27.60
C GLU A 270 -5.57 26.87 26.90
N LEU A 271 -4.94 26.39 25.84
CA LEU A 271 -4.00 27.21 25.06
C LEU A 271 -4.69 28.37 24.34
N GLU A 272 -5.92 28.13 23.90
CA GLU A 272 -6.75 29.18 23.30
C GLU A 272 -7.04 30.25 24.33
N GLN A 273 -7.33 29.84 25.56
CA GLN A 273 -7.53 30.79 26.62
C GLN A 273 -6.28 31.64 26.90
N GLU A 274 -5.13 31.01 27.20
CA GLU A 274 -3.91 31.79 27.41
C GLU A 274 -3.64 32.77 26.26
N ALA A 275 -3.96 32.40 25.04
CA ALA A 275 -3.74 33.27 23.91
C ALA A 275 -4.58 34.50 23.91
N HIS A 276 -5.83 34.38 24.29
CA HIS A 276 -6.67 35.53 24.38
C HIS A 276 -6.13 36.42 25.43
N PHE A 277 -5.72 35.86 26.55
CA PHE A 277 -5.33 36.67 27.67
C PHE A 277 -4.17 37.52 27.33
N VAL A 278 -3.12 36.94 26.81
CA VAL A 278 -1.94 37.68 26.45
C VAL A 278 -2.27 38.58 25.34
N ALA A 279 -3.14 38.17 24.47
CA ALA A 279 -3.38 39.05 23.32
C ALA A 279 -4.21 40.25 23.73
N GLY A 280 -5.01 40.08 24.78
CA GLY A 280 -5.89 41.14 25.22
C GLY A 280 -7.19 41.27 24.44
N GLU A 281 -7.51 40.28 23.62
CA GLU A 281 -8.82 40.21 22.99
C GLU A 281 -9.33 38.83 22.63
N ARG A 282 -10.65 38.67 22.63
CA ARG A 282 -11.22 37.37 22.35
C ARG A 282 -11.41 37.13 20.84
N PHE A 283 -10.47 36.40 20.27
CA PHE A 283 -10.34 36.34 18.81
C PHE A 283 -10.47 34.87 18.33
N LEU A 284 -10.36 34.65 17.03
CA LEU A 284 -10.39 33.28 16.50
C LEU A 284 -8.94 32.83 16.27
N ILE A 285 -8.51 31.80 17.00
CA ILE A 285 -7.09 31.48 17.03
C ILE A 285 -6.66 30.64 15.83
N THR A 286 -7.65 30.06 15.15
CA THR A 286 -7.42 29.24 13.97
C THR A 286 -7.26 30.10 12.74
N SER A 287 -7.56 31.39 12.88
CA SER A 287 -7.53 32.34 11.76
C SER A 287 -6.21 33.05 11.64
N ASN A 288 -5.44 32.75 10.60
CA ASN A 288 -4.09 33.28 10.48
C ASN A 288 -4.18 34.77 10.27
N ASN A 289 -5.29 35.21 9.69
CA ASN A 289 -5.47 36.62 9.45
C ASN A 289 -5.58 37.42 10.74
N GLN A 290 -6.51 37.06 11.62
CA GLN A 290 -6.69 37.80 12.87
C GLN A 290 -5.43 37.78 13.74
N LEU A 291 -4.71 36.67 13.71
CA LEU A 291 -3.48 36.53 14.47
C LEU A 291 -2.36 37.35 13.82
N ARG A 292 -2.48 37.58 12.52
CA ARG A 292 -1.53 38.46 11.85
C ARG A 292 -1.84 39.92 12.18
N GLU A 293 -3.14 40.23 12.29
CA GLU A 293 -3.60 41.57 12.63
C GLU A 293 -3.16 41.91 14.05
N ILE A 294 -3.28 40.95 14.95
CA ILE A 294 -2.79 41.06 16.33
C ILE A 294 -1.31 41.18 16.49
N LEU A 295 -0.55 40.31 15.92
CA LEU A 295 0.86 40.39 16.12
C LEU A 295 1.46 41.60 15.52
N PHE A 296 0.88 42.09 14.43
CA PHE A 296 1.42 43.25 13.76
C PHE A 296 0.53 44.48 13.69
N GLY A 297 -0.76 44.26 13.60
CA GLY A 297 -1.68 45.36 13.63
C GLY A 297 -1.66 46.00 14.94
N LYS A 298 -1.77 45.22 15.98
CA LYS A 298 -1.87 45.74 17.30
C LYS A 298 -0.58 45.79 18.05
N LEU A 299 0.10 44.68 18.22
CA LEU A 299 1.30 44.67 19.04
C LEU A 299 2.42 45.21 18.22
N LYS A 300 2.21 45.40 16.96
CA LYS A 300 3.25 46.05 16.15
C LYS A 300 4.64 45.40 16.24
N LEU A 301 4.69 44.10 16.49
CA LEU A 301 5.94 43.38 16.74
C LEU A 301 7.05 43.49 15.67
N HIS A 302 6.71 43.92 14.45
CA HIS A 302 7.72 44.03 13.39
C HIS A 302 8.62 45.23 13.68
N LEU A 303 8.02 46.39 13.92
CA LEU A 303 8.77 47.59 14.21
C LEU A 303 9.47 47.51 15.56
N LYS A 317 4.65 45.21 4.27
CA LYS A 317 4.05 45.49 5.56
C LYS A 317 4.25 44.33 6.53
N TYR A 318 3.14 43.72 6.94
CA TYR A 318 3.19 42.59 7.87
C TYR A 318 3.92 41.36 7.28
N PRO A 319 4.74 40.69 8.09
CA PRO A 319 5.26 39.39 7.65
C PRO A 319 4.16 38.36 7.86
N SER A 320 4.43 37.08 7.65
CA SER A 320 3.37 36.09 7.84
C SER A 320 3.42 35.36 9.19
N THR A 321 2.50 34.44 9.38
CA THR A 321 2.36 33.67 10.61
C THR A 321 3.16 32.36 10.57
N SER A 322 4.10 32.25 9.63
CA SER A 322 4.78 30.99 9.43
C SER A 322 5.61 30.72 10.68
N GLU A 323 6.18 29.54 10.81
CA GLU A 323 6.73 29.16 12.10
C GLU A 323 8.11 29.73 12.32
N ALA A 324 8.80 30.08 11.23
CA ALA A 324 10.10 30.72 11.37
C ALA A 324 9.94 32.09 12.01
N VAL A 325 9.10 32.90 11.38
CA VAL A 325 8.75 34.25 11.86
C VAL A 325 8.30 34.29 13.33
N LEU A 326 7.27 33.53 13.67
CA LEU A 326 6.83 33.39 15.05
C LEU A 326 7.93 32.92 16.02
N ASN A 327 8.85 32.11 15.52
CA ASN A 327 9.96 31.68 16.36
C ASN A 327 10.81 32.91 16.65
N ALA A 328 11.02 33.76 15.64
CA ALA A 328 11.84 34.96 15.78
C ALA A 328 11.24 35.96 16.77
N LEU A 329 9.95 35.84 17.03
CA LEU A 329 9.27 36.78 17.90
C LEU A 329 9.21 36.21 19.28
N ARG A 330 9.95 35.16 19.53
CA ARG A 330 9.83 34.39 20.75
C ARG A 330 10.05 35.18 22.02
N ASP A 331 11.07 36.00 22.00
CA ASP A 331 11.29 36.97 23.03
C ASP A 331 10.28 38.09 23.24
N LEU A 332 9.86 38.69 22.15
CA LEU A 332 9.21 39.96 22.23
C LEU A 332 7.92 39.95 22.98
N HIS A 333 7.07 38.98 22.77
CA HIS A 333 5.81 39.03 23.41
C HIS A 333 5.51 37.60 23.50
N PRO A 334 4.60 37.23 24.42
CA PRO A 334 4.39 35.83 24.78
C PRO A 334 3.32 35.16 23.93
N LEU A 335 2.96 35.83 22.84
CA LEU A 335 1.94 35.37 21.92
C LEU A 335 2.40 34.19 21.06
N PRO A 336 3.54 34.35 20.41
CA PRO A 336 4.07 33.33 19.49
C PRO A 336 4.08 31.92 20.08
N LYS A 337 4.81 31.73 21.18
CA LYS A 337 4.97 30.39 21.73
C LYS A 337 3.62 29.75 21.94
N ILE A 338 2.64 30.50 22.44
CA ILE A 338 1.33 29.92 22.69
C ILE A 338 0.73 29.47 21.38
N ILE A 339 0.88 30.28 20.34
CA ILE A 339 0.37 29.95 19.00
C ILE A 339 0.97 28.66 18.46
N LEU A 340 2.30 28.63 18.39
CA LEU A 340 3.05 27.48 17.93
C LEU A 340 2.57 26.22 18.67
N GLU A 341 2.47 26.31 19.99
CA GLU A 341 1.97 25.21 20.79
C GLU A 341 0.54 24.78 20.41
N TYR A 342 -0.36 25.73 20.22
CA TYR A 342 -1.72 25.39 19.79
C TYR A 342 -1.65 24.63 18.48
N ARG A 343 -0.70 25.03 17.63
CA ARG A 343 -0.58 24.47 16.30
C ARG A 343 -0.07 23.04 16.32
N GLN A 344 0.97 22.79 17.13
CA GLN A 344 1.54 21.45 17.29
C GLN A 344 0.51 20.50 17.88
N VAL A 345 -0.09 20.91 18.99
CA VAL A 345 -1.16 20.09 19.56
C VAL A 345 -2.33 19.88 18.56
N HIS A 346 -2.58 20.86 17.69
CA HIS A 346 -3.69 20.75 16.72
C HIS A 346 -3.39 19.74 15.62
N LYS A 347 -2.15 19.77 15.13
CA LYS A 347 -1.61 18.75 14.22
C LYS A 347 -1.77 17.37 14.83
N ILE A 348 -1.34 17.20 16.09
CA ILE A 348 -1.55 15.90 16.75
C ILE A 348 -3.02 15.46 16.82
N LYS A 349 -3.91 16.23 17.33
CA LYS A 349 -5.26 15.77 17.44
C LYS A 349 -5.82 15.47 16.10
N SER A 350 -5.53 16.29 15.13
CA SER A 350 -6.07 16.08 13.80
C SER A 350 -5.58 14.84 13.07
N THR A 351 -4.28 14.67 12.97
CA THR A 351 -3.76 13.51 12.29
C THR A 351 -4.00 12.20 13.01
N PHE A 352 -3.69 12.18 14.29
CA PHE A 352 -3.72 10.95 15.07
C PHE A 352 -5.13 10.54 15.52
N VAL A 353 -5.86 11.49 16.10
CA VAL A 353 -7.16 11.18 16.69
C VAL A 353 -8.35 11.43 15.77
N ASP A 354 -8.43 12.65 15.22
CA ASP A 354 -9.59 13.05 14.47
C ASP A 354 -9.55 12.38 13.11
N GLY A 355 -8.37 12.27 12.53
CA GLY A 355 -8.21 11.67 11.22
C GLY A 355 -8.64 10.22 11.22
N LEU A 356 -8.04 9.43 12.11
CA LEU A 356 -8.37 8.02 12.25
C LEU A 356 -9.85 7.82 12.57
N LEU A 357 -10.42 8.70 13.39
CA LEU A 357 -11.82 8.60 13.77
C LEU A 357 -12.74 8.93 12.59
N ALA A 358 -12.22 9.63 11.59
CA ALA A 358 -12.99 9.88 10.38
C ALA A 358 -13.11 8.61 9.54
N CYS A 359 -12.12 7.73 9.68
CA CYS A 359 -12.05 6.50 8.89
C CYS A 359 -12.94 5.37 9.37
N MET A 360 -13.19 5.30 10.66
CA MET A 360 -13.87 4.14 11.17
C MET A 360 -15.26 3.96 10.65
N LYS A 361 -15.65 2.70 10.51
CA LYS A 361 -17.02 2.31 10.44
C LYS A 361 -17.19 1.17 11.36
N LYS A 362 -18.16 1.24 12.23
CA LYS A 362 -18.45 0.20 13.18
C LYS A 362 -17.29 -0.07 14.09
N GLY A 363 -16.51 0.94 14.38
CA GLY A 363 -15.48 0.79 15.38
C GLY A 363 -14.27 0.15 14.83
N SER A 364 -14.30 -0.13 13.55
CA SER A 364 -13.16 -0.64 12.77
C SER A 364 -12.61 0.25 11.64
N ILE A 365 -11.31 0.07 11.36
CA ILE A 365 -10.65 0.76 10.24
C ILE A 365 -10.00 -0.21 9.24
N SER A 366 -10.15 0.06 7.96
CA SER A 366 -9.42 -0.71 6.95
C SER A 366 -8.89 0.16 5.82
N SER A 367 -7.58 0.21 5.66
CA SER A 367 -6.95 1.11 4.69
C SER A 367 -7.17 0.61 3.26
N THR A 368 -7.06 1.50 2.27
CA THR A 368 -6.99 1.01 0.89
C THR A 368 -5.51 0.87 0.56
N TRP A 369 -5.16 -0.22 -0.15
CA TRP A 369 -3.76 -0.53 -0.43
C TRP A 369 -3.46 -0.26 -1.87
N ASN A 370 -2.40 0.48 -2.15
CA ASN A 370 -2.09 0.86 -3.52
C ASN A 370 -0.84 0.19 -4.03
N GLN A 371 -1.03 -0.76 -4.94
CA GLN A 371 0.07 -1.59 -5.42
C GLN A 371 0.94 -0.87 -6.45
N THR A 372 0.33 0.12 -7.10
CA THR A 372 0.95 1.03 -8.07
C THR A 372 1.43 2.29 -7.33
N GLY A 373 1.33 2.21 -6.00
CA GLY A 373 1.67 3.30 -5.11
C GLY A 373 3.03 3.97 -5.22
N THR A 374 4.11 3.22 -5.42
CA THR A 374 5.42 3.84 -5.42
C THR A 374 6.27 3.45 -6.62
N VAL A 375 7.45 4.06 -6.74
CA VAL A 375 8.43 3.71 -7.78
C VAL A 375 9.32 2.52 -7.45
N THR A 376 9.61 2.31 -6.17
CA THR A 376 10.52 1.26 -5.71
C THR A 376 9.90 -0.13 -5.60
N GLY A 377 8.58 -0.22 -5.68
CA GLY A 377 7.91 -1.51 -5.62
C GLY A 377 7.12 -1.69 -4.35
N ARG A 378 7.43 -0.87 -3.35
CA ARG A 378 6.72 -0.95 -2.08
C ARG A 378 5.25 -0.61 -2.24
N LEU A 379 4.42 -1.12 -1.34
CA LEU A 379 3.01 -0.78 -1.34
C LEU A 379 2.77 0.56 -0.66
N SER A 380 1.55 1.04 -0.68
CA SER A 380 1.23 2.24 0.10
C SER A 380 -0.25 2.26 0.52
N ALA A 381 -0.59 3.01 1.56
CA ALA A 381 -1.96 2.93 2.01
C ALA A 381 -2.60 4.26 2.33
N LYS A 382 -3.90 4.36 2.05
CA LYS A 382 -4.67 5.56 2.33
C LYS A 382 -5.79 5.22 3.31
N HIS A 383 -6.28 6.25 4.00
CA HIS A 383 -7.55 6.23 4.73
C HIS A 383 -7.76 5.04 5.63
N PRO A 384 -6.95 4.96 6.69
CA PRO A 384 -5.85 5.84 7.07
C PRO A 384 -4.56 5.38 6.42
N ASN A 385 -3.42 6.02 6.67
CA ASN A 385 -2.16 5.47 6.19
C ASN A 385 -1.62 4.64 7.32
N ILE A 386 -1.75 3.34 7.19
CA ILE A 386 -1.42 2.46 8.30
C ILE A 386 0.08 2.23 8.35
N GLN A 387 0.74 2.53 7.25
CA GLN A 387 2.19 2.43 7.22
C GLN A 387 2.77 3.71 7.78
N GLY A 388 1.90 4.66 8.13
CA GLY A 388 2.36 5.92 8.68
C GLY A 388 2.22 6.20 10.17
N ILE A 389 1.40 5.42 10.86
CA ILE A 389 1.16 5.63 12.29
C ILE A 389 2.43 5.39 13.12
N SER A 390 2.74 6.33 14.02
CA SER A 390 4.06 6.38 14.65
C SER A 390 4.41 5.20 15.54
N LYS A 391 5.67 4.78 15.49
CA LYS A 391 6.14 3.68 16.32
C LYS A 391 6.03 4.07 17.79
N HIS A 392 6.65 5.17 18.13
CA HIS A 392 6.72 5.62 19.51
C HIS A 392 5.76 6.71 19.88
N PRO A 393 5.13 6.54 21.02
CA PRO A 393 4.05 7.40 21.43
C PRO A 393 4.61 8.74 21.75
N ILE A 394 3.73 9.72 21.88
CA ILE A 394 4.05 11.13 22.01
C ILE A 394 3.52 11.81 23.23
N GLN A 395 4.11 12.94 23.60
CA GLN A 395 3.69 13.67 24.80
C GLN A 395 3.03 15.05 24.59
N ILE A 396 1.84 15.21 25.18
CA ILE A 396 1.15 16.45 25.34
C ILE A 396 1.01 16.68 26.84
N THR A 397 1.12 17.92 27.29
CA THR A 397 1.22 18.21 28.70
C THR A 397 -0.15 18.29 29.35
N THR A 398 -0.46 17.33 30.21
CA THR A 398 -1.82 17.15 30.67
C THR A 398 -2.08 18.07 31.82
N PRO A 399 -2.92 19.07 31.61
CA PRO A 399 -3.24 20.04 32.66
C PRO A 399 -4.45 19.69 33.52
N LYS A 400 -4.67 20.47 34.58
CA LYS A 400 -5.79 20.24 35.47
C LYS A 400 -7.10 20.72 34.86
N LYS A 408 0.13 14.54 37.19
CA LYS A 408 -0.19 13.25 36.61
C LYS A 408 0.62 13.00 35.33
N ILE A 409 0.94 11.73 35.08
CA ILE A 409 1.72 11.35 33.88
C ILE A 409 1.08 10.33 32.93
N LEU A 410 0.89 10.76 31.68
CA LEU A 410 0.23 9.99 30.62
C LEU A 410 0.75 10.47 29.26
N THR A 411 0.36 9.77 28.20
CA THR A 411 0.87 9.99 26.87
C THR A 411 -0.16 9.77 25.77
N ILE A 412 0.23 10.01 24.54
CA ILE A 412 -0.51 9.46 23.44
C ILE A 412 0.32 8.43 22.75
N SER A 413 -0.21 7.22 22.63
CA SER A 413 0.31 6.26 21.67
C SER A 413 -0.78 5.85 20.74
N PRO A 414 -0.58 6.17 19.48
CA PRO A 414 -1.59 5.98 18.45
C PRO A 414 -1.71 4.50 18.09
N ARG A 415 -0.57 3.80 18.08
CA ARG A 415 -0.56 2.41 17.69
C ARG A 415 -1.36 1.61 18.69
N ALA A 416 -1.21 1.93 19.98
CA ALA A 416 -1.89 1.21 21.04
C ALA A 416 -3.41 1.35 20.99
N MET A 417 -3.89 2.17 20.06
CA MET A 417 -5.32 2.27 19.85
C MET A 417 -5.83 1.29 18.79
N PHE A 418 -4.92 0.52 18.19
CA PHE A 418 -5.30 -0.58 17.30
C PHE A 418 -5.19 -1.92 18.01
N VAL A 419 -6.31 -2.61 18.14
CA VAL A 419 -6.37 -3.80 18.99
C VAL A 419 -6.98 -5.03 18.35
N SER A 420 -6.44 -6.20 18.68
CA SER A 420 -7.03 -7.46 18.27
C SER A 420 -8.36 -7.67 18.98
N SER A 421 -9.34 -8.23 18.27
CA SER A 421 -10.63 -8.55 18.86
C SER A 421 -10.45 -9.77 19.76
N LYS A 422 -11.41 -10.01 20.65
CA LYS A 422 -11.22 -11.01 21.71
C LYS A 422 -11.98 -12.31 21.40
N GLY A 423 -11.47 -13.45 21.89
CA GLY A 423 -10.07 -13.61 22.19
C GLY A 423 -9.28 -13.90 20.93
N HIS A 424 -8.35 -13.01 20.61
CA HIS A 424 -7.41 -13.19 19.52
C HIS A 424 -6.19 -12.37 19.91
N THR A 425 -5.07 -12.65 19.29
CA THR A 425 -3.91 -11.81 19.52
C THR A 425 -3.13 -11.52 18.23
N PHE A 426 -2.67 -10.29 18.09
CA PHE A 426 -1.86 -9.93 16.95
C PHE A 426 -0.57 -10.72 17.05
N LEU A 427 -0.22 -11.40 15.96
CA LEU A 427 1.14 -11.90 15.77
C LEU A 427 1.70 -11.04 14.66
N ALA A 428 2.94 -10.61 14.78
CA ALA A 428 3.56 -9.71 13.85
C ALA A 428 4.92 -10.21 13.47
N ALA A 429 5.12 -10.57 12.20
CA ALA A 429 6.40 -11.11 11.75
C ALA A 429 7.12 -10.12 10.88
N ASP A 430 8.44 -10.05 11.00
CA ASP A 430 9.15 -8.88 10.50
C ASP A 430 10.53 -9.26 9.97
N PHE A 431 10.98 -8.69 8.87
CA PHE A 431 12.32 -9.03 8.39
C PHE A 431 13.35 -8.15 9.05
N SER A 432 14.30 -8.77 9.75
CA SER A 432 15.33 -8.05 10.44
C SER A 432 16.28 -7.38 9.45
N GLN A 433 16.49 -6.08 9.60
CA GLN A 433 17.54 -5.34 8.90
C GLN A 433 17.63 -5.73 7.44
N ILE A 434 16.46 -5.88 6.82
CA ILE A 434 16.34 -6.50 5.49
C ILE A 434 17.12 -5.80 4.39
N GLU A 435 17.05 -4.47 4.31
CA GLU A 435 17.83 -3.75 3.31
C GLU A 435 19.35 -3.90 3.53
N LEU A 436 19.76 -4.07 4.77
CA LEU A 436 21.18 -4.23 5.06
C LEU A 436 21.63 -5.61 4.63
N ARG A 437 20.77 -6.59 4.82
CA ARG A 437 21.05 -7.96 4.41
C ARG A 437 21.14 -8.04 2.90
N ILE A 438 20.20 -7.41 2.20
CA ILE A 438 20.24 -7.32 0.75
C ILE A 438 21.52 -6.64 0.34
N LEU A 439 21.88 -5.56 1.03
CA LEU A 439 23.07 -4.80 0.68
C LEU A 439 24.29 -5.69 0.74
N THR A 440 24.31 -6.56 1.73
CA THR A 440 25.33 -7.60 1.82
C THR A 440 25.28 -8.55 0.62
N HIS A 441 24.09 -9.01 0.27
CA HIS A 441 23.96 -9.96 -0.84
C HIS A 441 24.44 -9.38 -2.15
N LEU A 442 24.17 -8.08 -2.34
CA LEU A 442 24.48 -7.34 -3.57
C LEU A 442 25.95 -6.93 -3.64
N SER A 443 26.40 -6.16 -2.65
CA SER A 443 27.78 -5.69 -2.59
C SER A 443 28.75 -6.84 -2.41
N GLY A 444 28.44 -7.74 -1.49
CA GLY A 444 29.27 -8.91 -1.25
C GLY A 444 30.26 -8.71 -0.12
N ASP A 445 30.16 -7.55 0.54
CA ASP A 445 31.10 -7.12 1.56
C ASP A 445 31.32 -8.15 2.67
N PRO A 446 32.59 -8.55 2.91
CA PRO A 446 32.97 -9.47 3.99
C PRO A 446 32.76 -8.92 5.39
N GLU A 447 33.17 -7.67 5.62
CA GLU A 447 33.07 -7.05 6.94
C GLU A 447 31.62 -6.84 7.33
N LEU A 448 30.76 -6.73 6.32
CA LEU A 448 29.33 -6.60 6.53
C LEU A 448 28.71 -7.96 6.84
N LEU A 449 29.08 -8.95 6.04
CA LEU A 449 28.59 -10.32 6.18
C LEU A 449 28.92 -10.92 7.54
N LYS A 450 30.14 -10.69 8.00
CA LYS A 450 30.56 -11.22 9.29
C LYS A 450 29.57 -10.83 10.36
N LEU A 451 29.29 -9.53 10.45
CA LEU A 451 28.23 -9.02 11.29
C LEU A 451 26.88 -9.64 10.93
N ASP A 458 22.03 -10.27 21.11
CA ASP A 458 21.98 -10.71 19.72
C ASP A 458 20.94 -9.95 18.92
N ASP A 459 21.33 -8.76 18.50
CA ASP A 459 20.59 -7.90 17.59
C ASP A 459 21.64 -6.99 16.94
N VAL A 460 21.72 -6.98 15.64
CA VAL A 460 22.89 -6.43 14.99
C VAL A 460 23.09 -4.98 15.31
N PHE A 461 22.04 -4.21 15.29
CA PHE A 461 22.23 -2.78 15.29
C PHE A 461 22.95 -2.32 16.51
N SER A 462 22.78 -3.03 17.61
CA SER A 462 23.36 -2.60 18.84
C SER A 462 24.86 -2.55 18.64
N THR A 463 25.38 -3.50 17.87
CA THR A 463 26.81 -3.64 17.77
C THR A 463 27.52 -2.40 17.20
N LEU A 464 27.01 -1.76 16.16
CA LEU A 464 27.59 -0.45 15.84
C LEU A 464 27.17 0.55 16.91
N THR A 465 25.99 0.37 17.49
CA THR A 465 25.53 1.30 18.51
C THR A 465 26.41 1.22 19.75
N SER A 466 26.91 0.02 20.02
CA SER A 466 27.88 -0.18 21.11
C SER A 466 29.32 0.18 20.70
N GLN A 467 29.65 0.05 19.42
CA GLN A 467 30.97 0.50 18.94
C GLN A 467 31.08 2.03 18.95
N TRP A 468 29.96 2.68 18.65
CA TRP A 468 29.91 4.10 18.76
C TRP A 468 30.05 4.36 20.25
N LYS A 469 29.26 3.59 20.98
CA LYS A 469 29.35 3.47 22.41
C LYS A 469 30.64 2.79 22.88
N ASP A 470 31.16 1.83 22.12
CA ASP A 470 32.38 1.14 22.56
C ASP A 470 32.10 0.47 23.90
N VAL A 471 30.92 -0.11 23.98
CA VAL A 471 30.25 -0.46 25.20
C VAL A 471 29.90 -1.92 25.21
N PRO A 472 29.35 -2.41 26.32
CA PRO A 472 28.74 -3.74 26.37
C PRO A 472 27.30 -3.63 25.88
N VAL A 473 26.77 -4.62 25.19
CA VAL A 473 25.46 -4.45 24.58
C VAL A 473 24.45 -3.88 25.58
N GLU A 474 24.36 -4.51 26.73
CA GLU A 474 23.16 -4.40 27.57
C GLU A 474 22.62 -3.01 27.92
N GLN A 475 23.50 -2.01 27.99
CA GLN A 475 23.07 -0.70 28.46
C GLN A 475 22.70 0.30 27.36
N VAL A 476 22.82 -0.11 26.10
CA VAL A 476 22.44 0.76 24.99
C VAL A 476 20.92 0.93 24.89
N THR A 477 20.45 2.18 24.99
CA THR A 477 19.02 2.49 24.94
C THR A 477 18.49 2.43 23.52
N HIS A 478 17.17 2.30 23.39
CA HIS A 478 16.50 2.20 22.09
C HIS A 478 16.75 3.39 21.18
N ALA A 479 16.87 4.58 21.78
CA ALA A 479 17.08 5.81 21.02
C ALA A 479 18.47 5.81 20.35
N ASP A 480 19.41 5.10 20.96
CA ASP A 480 20.77 4.99 20.43
C ASP A 480 20.79 4.11 19.18
N ARG A 481 20.01 3.03 19.21
CA ARG A 481 19.81 2.17 18.04
C ARG A 481 19.01 2.93 16.99
N GLU A 482 18.10 3.77 17.46
CA GLU A 482 17.27 4.62 16.62
C GLU A 482 18.12 5.60 15.81
N GLN A 483 19.15 6.18 16.43
CA GLN A 483 20.07 7.05 15.70
C GLN A 483 21.12 6.27 14.89
N THR A 484 21.56 5.12 15.40
CA THR A 484 22.58 4.31 14.73
C THR A 484 22.10 3.71 13.41
N LYS A 485 20.95 3.04 13.43
CA LYS A 485 20.41 2.49 12.19
C LYS A 485 20.23 3.58 11.14
N LYS A 486 19.69 4.72 11.57
CA LYS A 486 19.52 5.88 10.70
C LYS A 486 20.86 6.31 10.10
N VAL A 487 21.89 6.35 10.95
CA VAL A 487 23.24 6.69 10.49
C VAL A 487 23.68 5.76 9.36
N VAL A 488 23.49 4.46 9.54
CA VAL A 488 23.88 3.51 8.50
C VAL A 488 23.10 3.69 7.17
N TYR A 489 21.77 3.83 7.26
CA TYR A 489 20.95 4.02 6.04
C TYR A 489 21.43 5.25 5.30
N ALA A 490 21.48 6.37 6.02
CA ALA A 490 21.93 7.62 5.41
C ALA A 490 23.27 7.46 4.70
N VAL A 491 24.27 6.88 5.38
CA VAL A 491 25.59 6.77 4.74
C VAL A 491 25.65 5.83 3.54
N VAL A 492 24.81 4.79 3.51
CA VAL A 492 24.85 3.85 2.37
C VAL A 492 24.19 4.38 1.09
N TYR A 493 23.35 5.39 1.23
CA TYR A 493 22.60 5.91 0.10
C TYR A 493 23.16 7.16 -0.60
N GLY A 494 24.33 7.60 -0.16
CA GLY A 494 25.03 8.71 -0.78
C GLY A 494 25.01 10.04 -0.06
N ALA A 495 24.61 10.03 1.21
CA ALA A 495 24.51 11.24 2.03
C ALA A 495 25.86 11.92 2.17
N GLY A 496 25.90 13.22 1.88
CA GLY A 496 27.09 14.02 2.13
C GLY A 496 27.40 14.12 3.62
N LYS A 497 28.56 14.67 3.95
CA LYS A 497 28.93 14.84 5.35
C LYS A 497 27.99 15.82 6.06
N GLU A 498 27.34 16.68 5.27
CA GLU A 498 26.38 17.66 5.78
C GLU A 498 25.18 17.20 6.62
N ARG A 499 24.32 16.37 6.02
CA ARG A 499 23.12 15.87 6.70
C ARG A 499 23.48 14.71 7.66
N LEU A 500 24.59 14.05 7.32
CA LEU A 500 25.17 13.01 8.16
C LEU A 500 25.50 13.64 9.51
N ALA A 501 26.31 14.70 9.49
CA ALA A 501 26.62 15.46 10.70
C ALA A 501 25.33 15.96 11.34
N ALA A 502 24.38 16.37 10.49
CA ALA A 502 23.09 16.88 10.95
C ALA A 502 22.30 15.90 11.83
N CYS A 503 22.22 14.64 11.41
CA CYS A 503 21.38 13.68 12.15
C CYS A 503 22.09 13.02 13.35
N VAL A 506 27.77 14.73 16.17
CA VAL A 506 27.02 15.63 15.30
C VAL A 506 27.91 16.69 14.71
N PRO A 507 29.17 16.85 15.31
CA PRO A 507 29.98 17.91 14.69
C PRO A 507 30.28 17.59 13.24
N ILE A 508 30.13 18.59 12.41
CA ILE A 508 30.14 18.42 10.98
C ILE A 508 31.45 17.91 10.42
N GLN A 509 32.55 18.51 10.83
CA GLN A 509 33.87 18.05 10.39
C GLN A 509 34.19 16.71 11.00
N GLU A 510 33.80 16.55 12.26
CA GLU A 510 34.11 15.34 12.96
C GLU A 510 33.69 14.14 12.15
N ALA A 511 32.55 14.26 11.49
CA ALA A 511 31.95 13.08 10.89
C ALA A 511 32.55 12.69 9.53
N ALA A 512 32.95 13.67 8.74
CA ALA A 512 33.63 13.31 7.51
C ALA A 512 34.52 12.21 7.91
N GLN A 513 34.97 12.41 9.14
CA GLN A 513 35.81 11.53 9.90
C GLN A 513 35.06 10.25 10.13
N PHE A 514 33.81 10.33 10.54
CA PHE A 514 33.05 9.11 10.69
C PHE A 514 32.85 8.45 9.35
N LEU A 515 32.54 9.26 8.35
CA LEU A 515 32.14 8.69 7.10
C LEU A 515 33.27 7.86 6.54
N GLU A 516 34.47 8.42 6.51
CA GLU A 516 35.57 7.69 5.92
C GLU A 516 35.75 6.46 6.75
N SER A 517 35.72 6.62 8.06
CA SER A 517 35.89 5.42 8.89
C SER A 517 34.99 4.30 8.37
N PHE A 518 33.73 4.68 8.12
CA PHE A 518 32.69 3.76 7.67
C PHE A 518 32.94 3.19 6.26
N LEU A 519 33.14 4.08 5.30
CA LEU A 519 33.38 3.71 3.92
C LEU A 519 34.68 2.91 3.74
N GLN A 520 35.66 3.15 4.60
CA GLN A 520 36.89 2.35 4.54
C GLN A 520 36.73 0.99 5.23
N LYS A 521 35.88 0.94 6.25
CA LYS A 521 35.56 -0.33 6.87
C LYS A 521 34.95 -1.30 5.85
N TYR A 522 33.95 -0.84 5.10
CA TYR A 522 33.35 -1.65 4.05
C TYR A 522 33.59 -1.02 2.69
N LYS A 523 34.51 -1.61 1.93
CA LYS A 523 34.85 -1.06 0.63
C LYS A 523 33.78 -1.45 -0.40
N LYS A 524 33.23 -2.65 -0.21
CA LYS A 524 32.34 -3.23 -1.20
C LYS A 524 31.03 -2.46 -1.31
N ILE A 525 30.72 -1.65 -0.32
CA ILE A 525 29.51 -0.85 -0.42
C ILE A 525 29.71 0.30 -1.40
N LYS A 526 30.89 0.90 -1.36
CA LYS A 526 31.29 1.90 -2.34
C LYS A 526 31.37 1.27 -3.74
N ASP A 527 31.96 0.08 -3.85
CA ASP A 527 32.02 -0.61 -5.16
C ASP A 527 30.64 -0.94 -5.74
N PHE A 528 29.71 -1.32 -4.85
CA PHE A 528 28.34 -1.56 -5.27
C PHE A 528 27.67 -0.30 -5.77
N ALA A 529 27.74 0.79 -5.00
CA ALA A 529 27.12 2.04 -5.46
C ALA A 529 27.68 2.40 -6.84
N ARG A 530 29.01 2.44 -6.93
CA ARG A 530 29.73 2.70 -8.18
C ARG A 530 29.23 1.81 -9.34
N ALA A 531 28.90 0.55 -9.01
CA ALA A 531 28.34 -0.42 -9.96
C ALA A 531 26.91 -0.08 -10.44
N ALA A 532 26.02 0.23 -9.49
CA ALA A 532 24.65 0.56 -9.80
C ALA A 532 24.60 1.82 -10.67
N ILE A 533 25.31 2.84 -10.20
CA ILE A 533 25.41 4.11 -10.90
C ILE A 533 25.92 3.88 -12.31
N ALA A 534 27.04 3.17 -12.45
CA ALA A 534 27.60 2.91 -13.76
C ALA A 534 26.62 2.17 -14.70
N GLN A 535 25.79 1.31 -14.13
CA GLN A 535 24.86 0.55 -14.97
C GLN A 535 23.71 1.44 -15.36
N CYS A 536 23.44 2.43 -14.53
CA CYS A 536 22.35 3.35 -14.80
C CYS A 536 22.74 4.30 -15.91
N HIS A 537 23.98 4.78 -15.90
CA HIS A 537 24.45 5.59 -17.02
C HIS A 537 24.50 4.72 -18.25
N GLN A 538 24.89 3.46 -18.05
CA GLN A 538 25.00 2.50 -19.15
C GLN A 538 23.65 2.25 -19.85
N THR A 539 22.63 1.81 -19.11
CA THR A 539 21.30 1.53 -19.68
C THR A 539 20.16 2.56 -19.49
N GLY A 540 20.40 3.62 -18.73
CA GLY A 540 19.34 4.57 -18.48
C GLY A 540 18.36 4.17 -17.38
N CYS A 541 18.28 2.88 -17.06
CA CYS A 541 17.48 2.48 -15.92
C CYS A 541 18.36 1.56 -15.11
N VAL A 542 17.77 1.01 -14.06
CA VAL A 542 18.48 0.08 -13.19
C VAL A 542 17.47 -0.92 -12.68
N VAL A 543 17.93 -2.09 -12.30
CA VAL A 543 17.01 -3.21 -12.05
C VAL A 543 17.23 -3.90 -10.70
N SER A 544 16.15 -4.19 -9.98
CA SER A 544 16.25 -4.91 -8.71
C SER A 544 16.60 -6.39 -8.89
N ILE A 545 16.74 -7.12 -7.78
CA ILE A 545 16.98 -8.55 -7.79
C ILE A 545 16.04 -9.26 -8.76
N MET A 546 14.75 -8.97 -8.67
CA MET A 546 13.77 -9.77 -9.39
C MET A 546 13.31 -9.27 -10.74
N GLY A 547 13.93 -8.21 -11.24
CA GLY A 547 13.61 -7.72 -12.57
C GLY A 547 12.86 -6.39 -12.62
N ARG A 548 12.40 -5.95 -11.46
CA ARG A 548 11.72 -4.68 -11.31
C ARG A 548 12.60 -3.53 -11.78
N ARG A 549 12.06 -2.67 -12.64
CA ARG A 549 12.89 -1.63 -13.24
C ARG A 549 12.51 -0.24 -12.77
N ARG A 550 13.51 0.61 -12.72
CA ARG A 550 13.38 2.02 -12.36
C ARG A 550 14.13 2.82 -13.41
N PRO A 551 13.39 3.34 -14.40
CA PRO A 551 14.06 4.21 -15.36
C PRO A 551 14.33 5.54 -14.71
N LEU A 552 15.50 6.11 -14.96
CA LEU A 552 15.88 7.38 -14.38
C LEU A 552 16.65 8.12 -15.47
N PRO A 553 15.92 8.74 -16.42
CA PRO A 553 16.56 9.23 -17.63
C PRO A 553 17.46 10.42 -17.29
N ARG A 554 17.25 11.03 -16.13
CA ARG A 554 18.01 12.21 -15.75
C ARG A 554 19.39 11.82 -15.29
N ILE A 555 19.71 10.55 -15.42
CA ILE A 555 21.05 10.08 -15.19
C ILE A 555 21.95 10.74 -16.24
N HIS A 556 21.38 11.04 -17.40
CA HIS A 556 22.18 11.62 -18.46
C HIS A 556 22.12 13.13 -18.39
N ALA A 557 21.20 13.62 -17.56
CA ALA A 557 20.91 15.04 -17.49
C ALA A 557 22.18 15.84 -17.22
N HIS A 558 22.31 16.95 -17.96
CA HIS A 558 23.51 17.77 -17.91
C HIS A 558 23.64 18.52 -16.59
N ASP A 559 22.51 19.01 -16.08
CA ASP A 559 22.48 19.64 -14.75
C ASP A 559 23.11 18.69 -13.71
N GLN A 560 23.99 19.21 -12.87
CA GLN A 560 24.69 18.33 -11.96
C GLN A 560 23.94 17.89 -10.70
N GLN A 561 23.12 18.77 -10.10
CA GLN A 561 22.34 18.31 -8.96
C GLN A 561 21.33 17.24 -9.39
N LEU A 562 20.78 17.39 -10.60
CA LEU A 562 19.87 16.41 -11.18
C LEU A 562 20.55 15.07 -11.39
N ARG A 563 21.67 15.11 -12.10
CA ARG A 563 22.47 13.92 -12.36
C ARG A 563 22.79 13.20 -11.03
N ALA A 564 23.21 13.97 -10.04
CA ALA A 564 23.60 13.40 -8.74
C ALA A 564 22.40 12.77 -8.06
N GLN A 565 21.24 13.40 -8.20
CA GLN A 565 20.02 12.85 -7.65
C GLN A 565 19.65 11.51 -8.29
N ALA A 566 19.64 11.46 -9.62
CA ALA A 566 19.41 10.22 -10.35
C ALA A 566 20.36 9.12 -9.90
N GLU A 567 21.63 9.44 -9.69
CA GLU A 567 22.60 8.46 -9.20
C GLU A 567 22.23 7.93 -7.81
N ARG A 568 21.95 8.84 -6.88
CA ARG A 568 21.58 8.45 -5.51
C ARG A 568 20.34 7.59 -5.53
N GLN A 569 19.42 7.97 -6.40
CA GLN A 569 18.17 7.26 -6.60
C GLN A 569 18.38 5.85 -7.13
N ALA A 570 19.20 5.70 -8.16
CA ALA A 570 19.51 4.38 -8.71
C ALA A 570 20.06 3.49 -7.61
N VAL A 571 21.12 3.97 -6.96
CA VAL A 571 21.78 3.19 -5.92
C VAL A 571 20.80 2.80 -4.85
N ASN A 572 19.89 3.71 -4.50
CA ASN A 572 18.89 3.37 -3.51
C ASN A 572 17.99 2.26 -4.03
N PHE A 573 17.57 2.44 -5.28
CA PHE A 573 16.55 1.60 -5.87
C PHE A 573 16.95 0.17 -5.93
N VAL A 574 18.16 -0.14 -6.35
CA VAL A 574 18.47 -1.57 -6.51
C VAL A 574 18.19 -2.30 -5.20
N VAL A 575 18.66 -1.70 -4.10
CA VAL A 575 18.42 -2.20 -2.75
C VAL A 575 16.97 -2.28 -2.27
N GLN A 576 16.26 -1.15 -2.34
CA GLN A 576 14.92 -1.02 -1.75
C GLN A 576 13.88 -1.70 -2.64
N GLY A 577 14.11 -1.60 -3.92
CA GLY A 577 13.34 -2.32 -4.90
C GLY A 577 13.45 -3.79 -4.60
N SER A 578 14.70 -4.27 -4.41
CA SER A 578 14.90 -5.69 -4.11
C SER A 578 14.19 -6.13 -2.82
N ALA A 579 14.27 -5.30 -1.81
CA ALA A 579 13.61 -5.56 -0.54
C ALA A 579 12.08 -5.60 -0.69
N ALA A 580 11.55 -4.75 -1.55
CA ALA A 580 10.12 -4.77 -1.82
C ALA A 580 9.75 -6.09 -2.53
N ASP A 581 10.57 -6.50 -3.49
CA ASP A 581 10.35 -7.79 -4.16
C ASP A 581 10.27 -8.90 -3.12
N LEU A 582 11.29 -8.97 -2.26
CA LEU A 582 11.33 -10.00 -1.23
C LEU A 582 10.12 -9.98 -0.29
N CYS A 583 9.79 -8.81 0.26
CA CYS A 583 8.63 -8.69 1.17
C CYS A 583 7.37 -9.18 0.51
N LYS A 584 7.18 -8.79 -0.76
CA LYS A 584 5.99 -9.18 -1.52
C LYS A 584 5.93 -10.71 -1.69
N LEU A 585 7.07 -11.30 -2.05
CA LEU A 585 7.16 -12.74 -2.15
C LEU A 585 6.78 -13.38 -0.82
N ALA A 586 7.35 -12.87 0.27
CA ALA A 586 7.12 -13.38 1.60
C ALA A 586 5.65 -13.32 1.94
N MET A 587 5.00 -12.29 1.44
CA MET A 587 3.62 -12.02 1.77
C MET A 587 2.72 -12.99 1.03
N ILE A 588 3.08 -13.31 -0.21
CA ILE A 588 2.29 -14.26 -1.01
C ILE A 588 2.42 -15.67 -0.44
N HIS A 589 3.68 -16.09 -0.23
CA HIS A 589 3.96 -17.39 0.38
C HIS A 589 3.29 -17.59 1.73
N VAL A 590 3.56 -16.68 2.67
CA VAL A 590 2.90 -16.75 3.97
C VAL A 590 1.38 -16.73 3.84
N PHE A 591 0.86 -15.91 2.95
CA PHE A 591 -0.60 -15.85 2.82
C PHE A 591 -1.18 -17.17 2.32
N THR A 592 -0.49 -17.83 1.39
CA THR A 592 -1.00 -19.10 0.88
C THR A 592 -0.84 -20.24 1.89
N ALA A 593 0.25 -20.21 2.65
CA ALA A 593 0.42 -21.15 3.77
C ALA A 593 -0.74 -21.02 4.74
N VAL A 594 -1.04 -19.82 5.20
CA VAL A 594 -2.16 -19.68 6.15
C VAL A 594 -3.50 -19.96 5.46
N ALA A 595 -3.56 -19.71 4.16
CA ALA A 595 -4.76 -19.94 3.37
C ALA A 595 -5.14 -21.41 3.38
N ALA A 596 -4.19 -22.28 3.02
CA ALA A 596 -4.51 -23.67 3.07
C ALA A 596 -3.93 -24.23 4.35
N SER A 597 -4.79 -24.26 5.36
CA SER A 597 -4.55 -25.00 6.58
C SER A 597 -5.93 -25.28 7.13
N HIS A 598 -6.12 -26.49 7.63
CA HIS A 598 -7.42 -26.87 8.13
C HIS A 598 -7.61 -26.30 9.53
N THR A 599 -6.62 -26.54 10.38
CA THR A 599 -6.60 -25.97 11.73
C THR A 599 -6.56 -24.44 11.82
N LEU A 600 -5.54 -23.84 11.20
CA LEU A 600 -5.20 -22.41 11.38
C LEU A 600 -6.25 -21.42 10.84
N THR A 601 -6.70 -20.53 11.72
CA THR A 601 -7.71 -19.54 11.37
C THR A 601 -7.19 -18.13 11.05
N ALA A 602 -5.88 -17.92 11.22
CA ALA A 602 -5.26 -16.60 11.16
C ALA A 602 -5.65 -15.82 9.92
N ARG A 603 -6.03 -14.56 10.09
CA ARG A 603 -6.30 -13.70 8.97
C ARG A 603 -5.16 -12.70 8.88
N LEU A 604 -4.48 -12.61 7.74
CA LEU A 604 -3.51 -11.50 7.54
C LEU A 604 -4.19 -10.14 7.44
N VAL A 605 -3.72 -9.22 8.26
CA VAL A 605 -4.49 -8.03 8.61
C VAL A 605 -3.90 -6.79 7.95
N ALA A 606 -2.62 -6.59 8.07
CA ALA A 606 -2.04 -5.45 7.45
C ALA A 606 -0.61 -5.66 7.19
N GLN A 607 0.00 -4.85 6.35
CA GLN A 607 1.43 -4.86 6.18
C GLN A 607 2.05 -3.49 6.37
N ILE A 608 2.84 -3.34 7.42
CA ILE A 608 3.81 -2.25 7.52
C ILE A 608 4.91 -2.73 6.60
N HIS A 609 5.76 -1.84 6.10
CA HIS A 609 6.63 -2.30 5.03
C HIS A 609 7.39 -3.59 5.15
N ASP A 610 8.06 -3.80 6.26
CA ASP A 610 8.90 -4.98 6.38
C ASP A 610 8.25 -6.01 7.25
N GLU A 611 7.06 -5.68 7.68
CA GLU A 611 6.38 -6.41 8.74
C GLU A 611 4.97 -6.81 8.36
N LEU A 612 4.72 -8.10 8.21
CA LEU A 612 3.35 -8.56 8.10
C LEU A 612 2.72 -8.61 9.49
N LEU A 613 1.43 -8.35 9.56
CA LEU A 613 0.71 -8.38 10.81
C LEU A 613 -0.61 -9.16 10.70
N PHE A 614 -0.66 -10.29 11.42
CA PHE A 614 -1.80 -11.22 11.44
C PHE A 614 -2.59 -11.10 12.72
N GLU A 615 -3.89 -11.34 12.62
CA GLU A 615 -4.70 -11.52 13.80
C GLU A 615 -5.00 -13.01 13.99
N VAL A 616 -4.40 -13.62 15.02
CA VAL A 616 -4.49 -15.06 15.21
C VAL A 616 -5.48 -15.38 16.31
N GLU A 617 -6.28 -16.43 16.14
CA GLU A 617 -7.19 -16.82 17.22
C GLU A 617 -6.42 -17.38 18.42
N ASP A 618 -6.82 -16.92 19.60
CA ASP A 618 -5.91 -16.87 20.76
C ASP A 618 -5.02 -18.08 21.08
N PRO A 619 -5.61 -19.29 21.13
CA PRO A 619 -4.73 -20.43 21.46
C PRO A 619 -3.73 -20.72 20.34
N GLN A 620 -3.96 -20.17 19.15
CA GLN A 620 -3.20 -20.53 17.95
C GLN A 620 -1.93 -19.72 17.65
N ILE A 621 -1.58 -18.77 18.50
CA ILE A 621 -0.29 -18.08 18.35
C ILE A 621 0.93 -19.00 18.15
N PRO A 622 1.09 -20.05 18.97
CA PRO A 622 2.34 -20.81 18.74
C PRO A 622 2.32 -21.53 17.39
N GLU A 623 1.17 -22.06 17.02
CA GLU A 623 1.05 -22.73 15.73
C GLU A 623 1.35 -21.74 14.61
N CYS A 624 0.66 -20.60 14.65
CA CYS A 624 0.79 -19.56 13.64
C CYS A 624 2.19 -19.02 13.52
N ALA A 625 2.78 -18.61 14.63
CA ALA A 625 4.17 -18.19 14.66
C ALA A 625 5.09 -19.24 14.03
N ALA A 626 4.82 -20.51 14.28
CA ALA A 626 5.63 -21.59 13.70
C ALA A 626 5.55 -21.61 12.18
N LEU A 627 4.33 -21.63 11.65
CA LEU A 627 4.12 -21.60 10.20
C LEU A 627 4.76 -20.39 9.51
N VAL A 628 4.43 -19.21 10.03
CA VAL A 628 4.99 -17.97 9.54
C VAL A 628 6.51 -18.03 9.53
N ARG A 629 7.10 -18.48 10.63
CA ARG A 629 8.56 -18.59 10.69
C ARG A 629 9.06 -19.45 9.53
N ARG A 630 8.52 -20.66 9.48
CA ARG A 630 8.97 -21.71 8.57
C ARG A 630 8.95 -21.21 7.14
N THR A 631 7.76 -20.77 6.73
CA THR A 631 7.51 -20.24 5.40
C THR A 631 8.38 -19.08 4.94
N MET A 632 8.39 -17.99 5.71
CA MET A 632 9.06 -16.75 5.32
C MET A 632 10.60 -16.90 5.32
N GLU A 633 11.09 -17.90 6.03
CA GLU A 633 12.54 -18.15 6.02
C GLU A 633 12.88 -18.97 4.77
N SER A 634 12.03 -19.93 4.44
CA SER A 634 12.26 -20.88 3.33
C SER A 634 12.35 -20.20 1.95
N LEU A 635 12.10 -18.92 1.92
CA LEU A 635 12.07 -18.21 0.69
C LEU A 635 13.36 -18.40 0.01
N GLU A 636 14.45 -18.59 0.72
CA GLU A 636 15.74 -18.28 0.13
C GLU A 636 15.81 -18.99 -1.19
N GLN A 637 15.01 -20.04 -1.29
CA GLN A 637 14.97 -20.87 -2.46
C GLN A 637 13.58 -21.30 -2.87
N VAL A 638 12.80 -20.40 -3.44
CA VAL A 638 11.52 -20.82 -4.00
C VAL A 638 11.19 -20.50 -5.45
N GLN A 639 12.15 -19.87 -6.11
CA GLN A 639 12.09 -19.46 -7.51
C GLN A 639 11.89 -20.54 -8.55
N ALA A 640 12.26 -21.75 -8.22
CA ALA A 640 12.76 -22.02 -6.88
C ALA A 640 14.10 -21.40 -6.40
N LEU A 641 15.13 -21.48 -7.24
CA LEU A 641 16.50 -21.15 -6.78
C LEU A 641 17.18 -20.00 -7.51
N GLU A 642 16.40 -19.24 -8.25
CA GLU A 642 16.91 -18.17 -9.09
C GLU A 642 17.60 -17.24 -8.11
N LEU A 643 16.97 -17.17 -6.97
CA LEU A 643 17.15 -16.21 -5.91
C LEU A 643 17.84 -16.96 -4.76
N GLN A 644 19.15 -16.78 -4.65
CA GLN A 644 19.94 -17.36 -3.59
C GLN A 644 20.65 -16.41 -2.69
N LEU A 645 20.21 -16.29 -1.46
CA LEU A 645 20.61 -15.16 -0.67
C LEU A 645 21.86 -15.53 0.06
N GLN A 646 22.94 -14.89 -0.29
CA GLN A 646 24.21 -15.16 0.38
C GLN A 646 24.22 -14.82 1.88
N VAL A 647 23.12 -14.24 2.34
CA VAL A 647 22.91 -13.98 3.76
C VAL A 647 21.51 -14.47 4.05
N PRO A 648 21.32 -15.13 5.21
CA PRO A 648 19.99 -15.70 5.45
C PRO A 648 18.95 -14.64 5.83
N LEU A 649 17.69 -14.99 5.58
CA LEU A 649 16.59 -14.18 6.05
C LEU A 649 16.18 -14.66 7.45
N LYS A 650 16.18 -13.75 8.41
CA LYS A 650 15.60 -14.05 9.71
C LYS A 650 14.31 -13.25 9.82
N VAL A 651 13.20 -13.96 10.02
CA VAL A 651 11.97 -13.30 10.47
C VAL A 651 12.14 -13.03 11.95
N SER A 652 11.35 -12.10 12.44
CA SER A 652 11.34 -11.73 13.84
C SER A 652 9.89 -11.63 14.30
N LEU A 653 9.51 -12.43 15.29
CA LEU A 653 8.10 -12.56 15.68
C LEU A 653 7.75 -11.86 16.99
N SER A 654 6.57 -11.27 17.04
CA SER A 654 6.17 -10.50 18.20
C SER A 654 4.68 -10.73 18.34
N ALA A 655 4.10 -10.56 19.51
CA ALA A 655 2.68 -10.82 19.62
C ALA A 655 2.12 -10.00 20.74
N GLY A 656 0.81 -9.84 20.78
CA GLY A 656 0.21 -9.00 21.80
C GLY A 656 -1.21 -8.62 21.49
N ARG A 657 -1.91 -8.10 22.49
CA ARG A 657 -3.34 -7.85 22.36
C ARG A 657 -3.58 -6.57 21.60
N SER A 658 -2.64 -5.64 21.67
CA SER A 658 -2.78 -4.35 20.98
C SER A 658 -1.54 -4.07 20.16
N TRP A 659 -1.73 -3.37 19.04
CA TRP A 659 -0.64 -3.05 18.13
C TRP A 659 0.46 -2.20 18.77
N GLY A 660 0.10 -1.45 19.83
CA GLY A 660 1.04 -0.61 20.56
C GLY A 660 2.00 -1.40 21.44
N HIS A 661 1.50 -2.41 22.14
CA HIS A 661 2.35 -3.28 22.94
C HIS A 661 2.46 -4.69 22.35
N LEU A 662 3.58 -4.96 21.67
CA LEU A 662 3.81 -6.28 21.12
C LEU A 662 5.16 -6.74 21.64
N VAL A 663 5.16 -7.79 22.44
CA VAL A 663 6.43 -8.28 23.02
C VAL A 663 7.16 -9.16 22.02
N PRO A 664 8.48 -8.93 21.82
CA PRO A 664 9.27 -9.89 21.05
C PRO A 664 9.04 -11.22 21.69
N LEU A 665 9.11 -12.30 20.93
CA LEU A 665 8.89 -13.63 21.46
C LEU A 665 10.04 -14.57 21.08
N GLN A 666 10.96 -14.79 22.02
CA GLN A 666 12.10 -15.66 21.78
C GLN A 666 13.14 -15.52 22.89
#